data_6SKH
#
_entry.id   6SKH
#
_cell.length_a   101.629
_cell.length_b   130.530
_cell.length_c   159.192
_cell.angle_alpha   90.000
_cell.angle_beta   90.000
_cell.angle_gamma   90.000
#
_symmetry.space_group_name_H-M   'I 2 2 2'
#
loop_
_entity.id
_entity.type
_entity.pdbx_description
1 polymer 'Glutamate carboxypeptidase 2'
2 branched beta-D-mannopyranose-(1-4)-2-acetamido-2-deoxy-beta-D-glucopyranose-(1-4)-2-acetamido-2-deoxy-beta-D-glucopyranose
3 branched 2-acetamido-2-deoxy-beta-D-glucopyranose-(1-4)-2-acetamido-2-deoxy-beta-D-glucopyranose
4 branched alpha-D-mannopyranose-(1-3)-beta-D-mannopyranose-(1-4)-2-acetamido-2-deoxy-beta-D-glucopyranose-(1-4)-2-acetamido-2-deoxy-beta-D-glucopyranose
5 branched alpha-D-mannopyranose-(1-3)-[alpha-D-mannopyranose-(1-6)]beta-D-mannopyranose-(1-4)-2-acetamido-2-deoxy-beta-D-glucopyranose-(1-4)-2-acetamido-2-deoxy-beta-D-glucopyranose
6 non-polymer 2-acetamido-2-deoxy-beta-D-glucopyranose
7 non-polymer 1,2-ETHANEDIOL
8 non-polymer 'ZINC ION'
9 non-polymer 'CALCIUM ION'
10 non-polymer 'CHLORIDE ION'
11 non-polymer beta-D-mannopyranose
12 non-polymer DI(HYDROXYETHYL)ETHER
13 non-polymer '(2~{S})-2-[[(2~{S})-1,4-bis(oxidanyl)-1,4-bis(oxidanylidene)butan-2-yl]sulfamoylamino]pentanedioic acid'
14 non-polymer GLYCEROL
15 water water
#
_entity_poly.entity_id   1
_entity_poly.type   'polypeptide(L)'
_entity_poly.pdbx_seq_one_letter_code
;KSSNEATNITPKHNMKAFLDELKAENIKKFLYNFTQIPHLAGTEQNFQLAKQIQSQWKEFGLDSVELAHYDVLLSYPNKT
HPNYISIINEDGNEIFNTSLFEPPPPGYENVSDIVPPFSAFSPQGMPEGDLVYVNYARTEDFFKLERDMKINCSGKIVIA
RYGKVFRGNKVKNAQLAGAKGVILYSDPADYFAPGVKSYPDGWNLPGGGVQRGNILNLNGAGDPLTPGYPANEYAYRRGI
AEAVGLPSIPVHPIGYYDAQKLLEKMGGSAPPDSSWRGSLKVPYNVGPGFTGNFSTQKVKMHIHSTNEVTRIYNVIGTLR
GAVEPDRYVILGGHRDSWVFGGIDPQSGAAVVHEIVRSFGTLKKEGWRPRRTILFASWDAMEFGLLGSTEWAEENSRLLQ
ERGVAYINADSSIEGNYTLRVDCTPLMYSLVHNLTKELKSPDEGFEGKSLYESWTKKSPSPEFSGMPRISKLGSGNDFEV
FFQRLGIASGRARYTKNWETNKFSGYPLYHSVYETYELVEKFYDPMFKYHLTVAQVRGGMVFELANSIVLPFDCRDYAVV
LRKYADKIYSISMKHPQEMKTYSVSFDSLFSAVKNFTEIASKFSERLQDFDKSNPIVLRMMNDQLMFLERAFIDPLGLPD
RPFYRHVIYAPSSHNKYAGESFPGIYDALFDIESKVDPSKAWGEVKRQIYVAAFTVQAAAETLSEVA
;
_entity_poly.pdbx_strand_id   A
#
loop_
_chem_comp.id
_chem_comp.type
_chem_comp.name
_chem_comp.formula
BMA D-saccharide, beta linking beta-D-mannopyranose 'C6 H12 O6'
CA non-polymer 'CALCIUM ION' 'Ca 2'
CL non-polymer 'CHLORIDE ION' 'Cl -1'
EDO non-polymer 1,2-ETHANEDIOL 'C2 H6 O2'
GOL non-polymer GLYCEROL 'C3 H8 O3'
LHK non-polymer '(2~{S})-2-[[(2~{S})-1,4-bis(oxidanyl)-1,4-bis(oxidanylidene)butan-2-yl]sulfamoylamino]pentanedioic acid' 'C9 H14 N2 O10 S'
MAN D-saccharide, alpha linking alpha-D-mannopyranose 'C6 H12 O6'
NAG D-saccharide, beta linking 2-acetamido-2-deoxy-beta-D-glucopyranose 'C8 H15 N O6'
PEG non-polymer DI(HYDROXYETHYL)ETHER 'C4 H10 O3'
ZN non-polymer 'ZINC ION' 'Zn 2'
#
# COMPACT_ATOMS: atom_id res chain seq x y z
N LYS A 12 -21.17 -11.16 -29.22
CA LYS A 12 -19.69 -11.30 -29.15
C LYS A 12 -19.24 -11.22 -27.69
N HIS A 13 -18.29 -12.09 -27.32
CA HIS A 13 -17.63 -12.02 -26.03
C HIS A 13 -16.28 -11.35 -26.19
N ASN A 14 -16.27 -10.04 -25.94
CA ASN A 14 -15.06 -9.23 -26.04
C ASN A 14 -15.01 -8.37 -24.78
N MET A 15 -14.08 -7.43 -24.70
CA MET A 15 -14.00 -6.69 -23.46
C MET A 15 -15.28 -5.84 -23.29
N LYS A 16 -15.83 -5.35 -24.40
CA LYS A 16 -17.04 -4.53 -24.32
C LYS A 16 -18.18 -5.30 -23.65
N ALA A 17 -18.34 -6.58 -23.95
CA ALA A 17 -19.38 -7.42 -23.32
C ALA A 17 -19.13 -7.50 -21.81
N PHE A 18 -17.86 -7.69 -21.45
CA PHE A 18 -17.50 -7.78 -20.03
C PHE A 18 -17.81 -6.45 -19.32
N LEU A 19 -17.39 -5.35 -19.91
CA LEU A 19 -17.51 -4.03 -19.29
C LEU A 19 -19.00 -3.63 -19.19
N ASP A 20 -19.78 -3.94 -20.21
CA ASP A 20 -21.19 -3.50 -20.24
C ASP A 20 -22.00 -4.20 -19.18
N GLU A 21 -21.57 -5.41 -18.79
CA GLU A 21 -22.30 -6.22 -17.83
C GLU A 21 -22.17 -5.62 -16.42
N LEU A 22 -21.10 -4.86 -16.17
CA LEU A 22 -20.85 -4.26 -14.82
C LEU A 22 -21.93 -3.20 -14.54
N LYS A 23 -22.52 -3.24 -13.34
N LYS A 23 -22.53 -3.23 -13.35
CA LYS A 23 -23.64 -2.35 -12.97
CA LYS A 23 -23.62 -2.31 -13.03
C LYS A 23 -23.33 -1.62 -11.65
C LYS A 23 -23.36 -1.64 -11.68
N ALA A 24 -23.48 -0.31 -11.67
CA ALA A 24 -23.34 0.54 -10.47
C ALA A 24 -24.29 0.07 -9.37
N GLU A 25 -25.51 -0.31 -9.75
CA GLU A 25 -26.52 -0.68 -8.75
C GLU A 25 -26.11 -1.97 -8.03
N ASN A 26 -25.40 -2.85 -8.73
CA ASN A 26 -24.94 -4.09 -8.10
C ASN A 26 -23.84 -3.78 -7.09
N ILE A 27 -22.92 -2.89 -7.45
CA ILE A 27 -21.82 -2.52 -6.56
C ILE A 27 -22.41 -1.91 -5.28
N LYS A 28 -23.43 -1.05 -5.46
CA LYS A 28 -24.13 -0.43 -4.33
C LYS A 28 -24.74 -1.51 -3.40
N LYS A 29 -25.44 -2.48 -3.97
CA LYS A 29 -26.08 -3.53 -3.19
C LYS A 29 -25.02 -4.36 -2.45
N PHE A 30 -23.90 -4.62 -3.10
CA PHE A 30 -22.84 -5.41 -2.46
C PHE A 30 -22.20 -4.60 -1.33
N LEU A 31 -21.99 -3.30 -1.56
CA LEU A 31 -21.38 -2.48 -0.53
C LEU A 31 -22.28 -2.47 0.72
N TYR A 32 -23.59 -2.25 0.51
CA TYR A 32 -24.51 -2.27 1.64
C TYR A 32 -24.39 -3.61 2.39
N ASN A 33 -24.37 -4.70 1.65
CA ASN A 33 -24.35 -6.04 2.19
C ASN A 33 -23.08 -6.29 3.03
N PHE A 34 -21.96 -5.68 2.65
CA PHE A 34 -20.66 -5.98 3.27
C PHE A 34 -20.36 -5.07 4.46
N THR A 35 -21.25 -4.12 4.81
CA THR A 35 -20.86 -3.05 5.73
C THR A 35 -21.87 -2.88 6.89
N GLN A 36 -22.73 -3.86 7.11
CA GLN A 36 -23.80 -3.74 8.15
C GLN A 36 -23.25 -4.11 9.54
N ILE A 37 -22.22 -4.97 9.60
CA ILE A 37 -21.59 -5.38 10.87
C ILE A 37 -20.07 -5.30 10.68
N PRO A 38 -19.33 -5.25 11.80
CA PRO A 38 -17.86 -5.23 11.67
C PRO A 38 -17.34 -6.58 11.15
N HIS A 39 -16.25 -6.53 10.37
CA HIS A 39 -15.59 -7.76 9.89
C HIS A 39 -14.12 -7.76 10.27
N LEU A 40 -13.84 -7.66 11.57
CA LEU A 40 -12.46 -7.65 12.07
C LEU A 40 -11.80 -9.01 11.80
N ALA A 41 -10.54 -8.97 11.32
CA ALA A 41 -9.83 -10.21 11.08
C ALA A 41 -9.79 -11.07 12.34
N GLY A 42 -10.03 -12.36 12.12
CA GLY A 42 -9.93 -13.35 13.17
C GLY A 42 -11.24 -13.52 13.91
N THR A 43 -12.27 -12.75 13.57
CA THR A 43 -13.58 -12.85 14.28
C THR A 43 -14.55 -13.74 13.51
N GLU A 44 -15.58 -14.22 14.22
CA GLU A 44 -16.57 -15.10 13.60
C GLU A 44 -17.29 -14.40 12.45
N GLN A 45 -17.57 -13.10 12.59
N GLN A 45 -17.56 -13.10 12.63
CA GLN A 45 -18.31 -12.37 11.58
CA GLN A 45 -18.26 -12.25 11.67
C GLN A 45 -17.52 -12.34 10.27
C GLN A 45 -17.52 -12.27 10.32
N ASN A 46 -16.19 -12.29 10.38
CA ASN A 46 -15.37 -12.23 9.15
C ASN A 46 -15.24 -13.61 8.52
N PHE A 47 -15.27 -14.69 9.32
CA PHE A 47 -15.34 -16.04 8.80
C PHE A 47 -16.68 -16.23 8.07
N GLN A 48 -17.77 -15.75 8.66
N GLN A 48 -17.76 -15.73 8.69
CA GLN A 48 -19.08 -15.91 8.00
CA GLN A 48 -19.10 -15.84 8.10
C GLN A 48 -19.11 -15.17 6.67
C GLN A 48 -19.14 -15.16 6.73
N LEU A 49 -18.53 -13.98 6.61
CA LEU A 49 -18.52 -13.26 5.33
C LEU A 49 -17.66 -14.02 4.31
N ALA A 50 -16.52 -14.58 4.75
CA ALA A 50 -15.69 -15.39 3.84
C ALA A 50 -16.53 -16.52 3.23
N LYS A 51 -17.30 -17.20 4.06
CA LYS A 51 -18.14 -18.32 3.60
C LYS A 51 -19.22 -17.81 2.62
N GLN A 52 -19.78 -16.63 2.89
CA GLN A 52 -20.76 -16.02 1.98
C GLN A 52 -20.13 -15.73 0.60
N ILE A 53 -18.97 -15.08 0.60
N ILE A 53 -18.96 -15.10 0.57
CA ILE A 53 -18.23 -14.75 -0.62
CA ILE A 53 -18.34 -14.75 -0.71
C ILE A 53 -17.96 -16.03 -1.41
C ILE A 53 -17.93 -16.03 -1.45
N GLN A 54 -17.47 -17.04 -0.71
CA GLN A 54 -17.15 -18.35 -1.34
C GLN A 54 -18.40 -18.89 -2.05
N SER A 55 -19.52 -18.87 -1.35
CA SER A 55 -20.79 -19.38 -1.91
C SER A 55 -21.20 -18.58 -3.15
N GLN A 56 -21.12 -17.24 -3.06
CA GLN A 56 -21.56 -16.39 -4.16
C GLN A 56 -20.64 -16.50 -5.37
N TRP A 57 -19.32 -16.56 -5.15
CA TRP A 57 -18.42 -16.74 -6.28
C TRP A 57 -18.69 -18.06 -7.01
N LYS A 58 -19.05 -19.12 -6.27
CA LYS A 58 -19.44 -20.40 -6.89
C LYS A 58 -20.69 -20.17 -7.74
N GLU A 59 -21.70 -19.53 -7.14
N GLU A 59 -21.71 -19.51 -7.19
CA GLU A 59 -22.98 -19.20 -7.78
CA GLU A 59 -22.97 -19.34 -7.92
C GLU A 59 -22.73 -18.41 -9.06
C GLU A 59 -22.75 -18.38 -9.11
N PHE A 60 -21.81 -17.44 -8.99
CA PHE A 60 -21.49 -16.53 -10.09
C PHE A 60 -20.86 -17.29 -11.27
N GLY A 61 -20.27 -18.46 -11.02
CA GLY A 61 -19.85 -19.36 -12.09
C GLY A 61 -18.36 -19.70 -12.11
N LEU A 62 -17.58 -19.32 -11.08
CA LEU A 62 -16.15 -19.72 -11.08
C LEU A 62 -16.03 -21.24 -11.03
N ASP A 63 -14.93 -21.75 -11.59
CA ASP A 63 -14.68 -23.20 -11.60
C ASP A 63 -14.43 -23.83 -10.24
N SER A 64 -13.67 -23.16 -9.39
CA SER A 64 -13.51 -23.61 -8.03
C SER A 64 -13.35 -22.38 -7.14
N VAL A 65 -13.79 -22.53 -5.90
CA VAL A 65 -13.65 -21.46 -4.93
C VAL A 65 -13.37 -22.13 -3.58
N GLU A 66 -12.20 -21.86 -3.01
CA GLU A 66 -11.80 -22.53 -1.80
C GLU A 66 -11.41 -21.49 -0.75
N LEU A 67 -11.48 -21.89 0.52
CA LEU A 67 -10.89 -21.09 1.58
C LEU A 67 -9.47 -21.60 1.81
N ALA A 68 -8.52 -20.67 1.91
CA ALA A 68 -7.17 -20.99 2.33
C ALA A 68 -6.97 -20.35 3.71
N HIS A 69 -6.77 -21.18 4.74
CA HIS A 69 -6.66 -20.64 6.10
C HIS A 69 -5.24 -20.79 6.63
N TYR A 70 -4.90 -19.93 7.58
CA TYR A 70 -3.59 -19.87 8.23
C TYR A 70 -3.82 -19.45 9.68
N ASP A 71 -2.88 -19.75 10.55
CA ASP A 71 -2.96 -19.30 11.94
C ASP A 71 -1.81 -18.34 12.18
N VAL A 72 -2.17 -17.04 12.34
CA VAL A 72 -1.16 -15.97 12.33
C VAL A 72 -1.30 -15.16 13.63
N LEU A 73 -0.24 -14.42 13.96
CA LEU A 73 -0.30 -13.56 15.15
C LEU A 73 -1.19 -12.33 14.86
N LEU A 74 -2.26 -12.17 15.65
CA LEU A 74 -3.12 -10.96 15.61
C LEU A 74 -3.06 -10.29 16.99
N SER A 75 -3.77 -9.18 17.14
CA SER A 75 -3.65 -8.35 18.35
C SER A 75 -5.01 -7.72 18.64
N TYR A 76 -5.46 -7.79 19.90
CA TYR A 76 -6.77 -7.27 20.24
C TYR A 76 -6.75 -6.63 21.63
N PRO A 77 -7.57 -5.61 21.82
CA PRO A 77 -7.67 -5.04 23.16
C PRO A 77 -8.26 -6.07 24.12
N ASN A 78 -8.01 -5.88 25.42
CA ASN A 78 -8.65 -6.69 26.45
C ASN A 78 -10.03 -6.07 26.74
N LYS A 79 -11.08 -6.83 26.48
CA LYS A 79 -12.48 -6.38 26.64
C LYS A 79 -12.77 -5.95 28.08
N THR A 80 -12.12 -6.56 29.07
CA THR A 80 -12.45 -6.25 30.47
C THR A 80 -11.32 -5.42 31.13
N HIS A 81 -10.39 -4.90 30.34
CA HIS A 81 -9.29 -4.14 30.88
C HIS A 81 -8.86 -3.09 29.84
N PRO A 82 -9.66 -2.03 29.69
CA PRO A 82 -9.62 -1.05 28.59
C PRO A 82 -8.32 -0.25 28.50
N ASN A 83 -7.92 0.07 27.26
CA ASN A 83 -6.76 0.90 27.02
C ASN A 83 -7.16 2.36 27.19
N TYR A 84 -6.29 3.17 27.82
CA TYR A 84 -6.57 4.61 27.94
C TYR A 84 -5.29 5.36 28.34
N ILE A 85 -5.34 6.68 28.22
CA ILE A 85 -4.22 7.53 28.63
C ILE A 85 -4.74 8.51 29.69
N SER A 86 -3.88 8.83 30.67
CA SER A 86 -4.23 9.76 31.76
C SER A 86 -3.23 10.89 31.85
N ILE A 87 -3.70 12.07 32.28
CA ILE A 87 -2.81 13.01 32.98
C ILE A 87 -2.93 12.68 34.47
N ILE A 88 -1.78 12.48 35.13
N ILE A 88 -1.77 12.47 35.10
CA ILE A 88 -1.71 12.09 36.55
CA ILE A 88 -1.70 12.16 36.51
C ILE A 88 -0.98 13.19 37.35
C ILE A 88 -1.19 13.42 37.23
N ASN A 89 -1.56 13.58 38.49
CA ASN A 89 -0.94 14.62 39.34
C ASN A 89 0.11 13.97 40.24
N GLU A 90 0.80 14.78 41.06
CA GLU A 90 1.93 14.30 41.87
C GLU A 90 1.46 13.30 42.93
N ASP A 91 0.17 13.31 43.27
CA ASP A 91 -0.39 12.32 44.20
C ASP A 91 -0.61 10.96 43.52
N GLY A 92 -0.64 10.96 42.20
CA GLY A 92 -0.95 9.76 41.45
C GLY A 92 -2.44 9.66 41.14
N ASN A 93 -3.14 10.80 41.19
N ASN A 93 -3.13 10.81 41.17
CA ASN A 93 -4.55 10.85 40.84
CA ASN A 93 -4.54 10.88 40.84
C ASN A 93 -4.67 11.16 39.35
C ASN A 93 -4.68 11.18 39.35
N GLU A 94 -5.53 10.42 38.67
CA GLU A 94 -5.73 10.58 37.22
C GLU A 94 -6.80 11.65 36.99
N ILE A 95 -6.35 12.84 36.61
CA ILE A 95 -7.23 14.01 36.56
C ILE A 95 -7.87 14.16 35.18
N PHE A 96 -7.31 13.50 34.17
CA PHE A 96 -7.95 13.46 32.86
C PHE A 96 -7.74 12.06 32.26
N ASN A 97 -8.77 11.55 31.59
CA ASN A 97 -8.69 10.25 30.92
C ASN A 97 -9.17 10.39 29.48
N THR A 98 -8.45 9.77 28.54
CA THR A 98 -8.92 9.72 27.13
C THR A 98 -10.12 8.77 27.03
N SER A 99 -10.87 8.86 25.93
CA SER A 99 -12.09 8.07 25.70
C SER A 99 -11.80 6.57 25.67
N LEU A 100 -12.80 5.78 26.06
CA LEU A 100 -12.67 4.34 25.98
C LEU A 100 -13.24 3.83 24.65
N PHE A 101 -13.94 4.70 23.91
CA PHE A 101 -14.53 4.32 22.61
C PHE A 101 -14.94 5.56 21.83
N GLU A 102 -15.09 5.44 20.51
CA GLU A 102 -15.61 6.52 19.68
C GLU A 102 -17.13 6.54 19.81
N PRO A 103 -17.73 7.74 19.94
CA PRO A 103 -19.19 7.78 19.97
C PRO A 103 -19.75 7.15 18.68
N PRO A 104 -20.60 6.12 18.79
CA PRO A 104 -21.05 5.44 17.58
C PRO A 104 -21.96 6.31 16.72
N PRO A 105 -21.90 6.12 15.39
CA PRO A 105 -22.72 6.98 14.52
C PRO A 105 -24.22 6.67 14.61
N PRO A 106 -25.07 7.61 14.14
CA PRO A 106 -26.53 7.43 14.18
C PRO A 106 -27.02 6.08 13.66
N GLY A 107 -27.77 5.36 14.49
CA GLY A 107 -28.37 4.11 14.09
C GLY A 107 -27.47 2.91 14.34
N TYR A 108 -26.23 3.14 14.76
CA TYR A 108 -25.27 2.06 15.09
C TYR A 108 -24.89 2.07 16.57
N GLU A 109 -25.60 2.87 17.37
CA GLU A 109 -25.26 3.02 18.77
C GLU A 109 -25.53 1.70 19.52
N ASN A 110 -26.18 0.74 18.87
CA ASN A 110 -26.47 -0.56 19.49
C ASN A 110 -25.75 -1.69 18.74
N VAL A 111 -24.89 -1.37 17.78
CA VAL A 111 -24.13 -2.43 17.10
C VAL A 111 -23.08 -2.99 18.08
N SER A 112 -23.00 -4.32 18.18
CA SER A 112 -22.05 -4.95 19.07
C SER A 112 -20.72 -5.19 18.33
N ASP A 113 -19.71 -5.51 19.12
CA ASP A 113 -18.41 -5.93 18.61
C ASP A 113 -17.69 -4.86 17.80
N ILE A 114 -17.93 -3.58 18.11
CA ILE A 114 -17.05 -2.56 17.55
C ILE A 114 -15.76 -2.55 18.35
N VAL A 115 -14.62 -2.86 17.72
CA VAL A 115 -13.36 -2.84 18.44
C VAL A 115 -13.02 -1.39 18.79
N PRO A 116 -12.71 -1.11 20.08
CA PRO A 116 -12.35 0.27 20.41
C PRO A 116 -11.01 0.65 19.75
N PRO A 117 -10.76 1.95 19.58
CA PRO A 117 -9.47 2.38 19.04
C PRO A 117 -8.28 1.79 19.81
N PHE A 118 -7.33 1.21 19.07
CA PHE A 118 -6.08 0.74 19.64
C PHE A 118 -5.04 0.66 18.52
N SER A 119 -3.78 0.54 18.93
CA SER A 119 -2.67 0.36 17.99
C SER A 119 -2.33 -1.13 17.98
N ALA A 120 -2.69 -1.85 16.91
CA ALA A 120 -2.47 -3.31 16.86
C ALA A 120 -0.96 -3.63 16.99
N PHE A 121 -0.68 -4.57 17.92
CA PHE A 121 0.63 -5.18 18.23
C PHE A 121 1.40 -4.36 19.28
N SER A 122 0.78 -3.32 19.82
CA SER A 122 1.42 -2.65 20.98
C SER A 122 1.70 -3.68 22.06
N PRO A 123 2.89 -3.59 22.69
CA PRO A 123 3.11 -4.35 23.92
C PRO A 123 2.28 -3.74 25.07
N GLN A 124 2.12 -4.52 26.13
CA GLN A 124 1.41 -4.07 27.33
C GLN A 124 2.36 -3.19 28.15
N GLY A 125 1.78 -2.27 28.91
CA GLY A 125 2.60 -1.50 29.84
C GLY A 125 1.83 -0.31 30.38
N MET A 126 2.37 0.32 31.41
CA MET A 126 1.74 1.51 31.99
C MET A 126 2.81 2.58 32.27
N PRO A 127 3.56 2.98 31.23
CA PRO A 127 4.64 3.97 31.35
C PRO A 127 4.10 5.34 31.77
N GLU A 128 4.80 6.00 32.70
CA GLU A 128 4.49 7.37 33.13
C GLU A 128 5.70 8.27 32.84
N GLY A 129 5.46 9.46 32.31
CA GLY A 129 6.59 10.36 32.02
C GLY A 129 6.15 11.70 31.48
N ASP A 130 7.13 12.44 30.99
CA ASP A 130 6.91 13.77 30.43
C ASP A 130 6.78 13.66 28.91
N LEU A 131 5.95 14.52 28.36
N LEU A 131 5.86 14.45 28.36
CA LEU A 131 5.55 14.48 26.96
CA LEU A 131 5.61 14.41 26.93
C LEU A 131 6.56 15.28 26.11
C LEU A 131 6.71 15.17 26.19
N VAL A 132 6.95 14.71 24.96
CA VAL A 132 7.67 15.47 23.93
C VAL A 132 6.84 15.38 22.65
N TYR A 133 6.58 16.52 22.02
CA TYR A 133 5.82 16.57 20.78
C TYR A 133 6.78 16.53 19.59
N VAL A 134 6.56 15.57 18.69
CA VAL A 134 7.57 15.23 17.67
C VAL A 134 7.01 15.45 16.26
N ASN A 135 6.00 16.32 16.12
CA ASN A 135 5.40 16.61 14.82
C ASN A 135 4.87 15.28 14.24
N TYR A 136 5.29 14.94 13.01
CA TYR A 136 4.79 13.73 12.36
C TYR A 136 5.66 12.51 12.70
N ALA A 137 6.66 12.68 13.57
CA ALA A 137 7.60 11.61 13.97
C ALA A 137 8.32 11.03 12.74
N ARG A 138 8.57 11.85 11.73
CA ARG A 138 9.37 11.44 10.56
C ARG A 138 10.86 11.45 10.92
N THR A 139 11.66 10.82 10.05
CA THR A 139 13.11 10.81 10.22
C THR A 139 13.60 12.26 10.36
N GLU A 140 13.16 13.15 9.48
CA GLU A 140 13.63 14.55 9.50
C GLU A 140 13.12 15.26 10.76
N ASP A 141 11.98 14.81 11.32
CA ASP A 141 11.46 15.44 12.55
C ASP A 141 12.34 15.14 13.74
N PHE A 142 12.82 13.90 13.83
CA PHE A 142 13.72 13.49 14.89
C PHE A 142 15.11 14.12 14.67
N PHE A 143 15.52 14.26 13.41
CA PHE A 143 16.77 14.96 13.08
C PHE A 143 16.72 16.38 13.66
N LYS A 144 15.57 17.06 13.49
CA LYS A 144 15.47 18.46 13.92
C LYS A 144 15.51 18.55 15.46
N LEU A 145 14.85 17.61 16.13
N LEU A 145 14.84 17.60 16.11
CA LEU A 145 14.83 17.57 17.60
CA LEU A 145 14.69 17.59 17.55
C LEU A 145 16.24 17.32 18.15
C LEU A 145 16.04 17.32 18.22
N GLU A 146 16.87 16.26 17.66
N GLU A 146 16.78 16.34 17.71
CA GLU A 146 18.10 15.73 18.25
CA GLU A 146 18.04 15.94 18.36
C GLU A 146 19.29 16.59 17.83
C GLU A 146 19.18 16.85 17.89
N ARG A 147 19.31 17.02 16.58
CA ARG A 147 20.51 17.65 15.99
C ARG A 147 20.45 19.18 16.12
N ASP A 148 19.29 19.77 15.82
CA ASP A 148 19.16 21.23 15.82
C ASP A 148 18.67 21.79 17.17
N MET A 149 17.64 21.18 17.73
CA MET A 149 16.99 21.73 18.92
C MET A 149 17.63 21.16 20.20
N LYS A 150 18.42 20.09 20.04
CA LYS A 150 19.09 19.42 21.14
C LYS A 150 18.07 18.98 22.20
N ILE A 151 16.95 18.40 21.76
CA ILE A 151 15.98 17.85 22.69
C ILE A 151 16.13 16.32 22.70
N ASN A 152 16.16 15.75 23.89
CA ASN A 152 16.46 14.33 24.09
C ASN A 152 15.15 13.59 24.43
N CYS A 153 14.81 12.58 23.62
CA CYS A 153 13.53 11.88 23.78
C CYS A 153 13.67 10.67 24.69
N SER A 154 14.90 10.36 25.10
CA SER A 154 15.17 9.19 25.91
C SER A 154 14.32 9.23 27.19
N GLY A 155 13.51 8.19 27.40
CA GLY A 155 12.70 8.08 28.61
C GLY A 155 11.47 8.98 28.59
N LYS A 156 11.20 9.64 27.46
CA LYS A 156 10.02 10.48 27.34
C LYS A 156 8.90 9.70 26.63
N ILE A 157 7.67 10.11 26.88
CA ILE A 157 6.54 9.66 26.06
C ILE A 157 6.41 10.65 24.90
N VAL A 158 6.42 10.17 23.66
CA VAL A 158 6.30 11.09 22.56
C VAL A 158 4.84 11.14 22.10
N ILE A 159 4.41 12.32 21.73
CA ILE A 159 3.11 12.49 21.07
C ILE A 159 3.36 12.98 19.65
N ALA A 160 2.76 12.27 18.69
CA ALA A 160 2.99 12.53 17.29
C ALA A 160 1.63 12.61 16.60
N ARG A 161 1.50 13.53 15.63
CA ARG A 161 0.32 13.56 14.82
C ARG A 161 0.45 12.56 13.67
N TYR A 162 -0.68 11.94 13.37
CA TYR A 162 -0.78 11.05 12.23
C TYR A 162 -0.60 11.88 10.96
N GLY A 163 -0.14 11.22 9.88
CA GLY A 163 -0.02 11.88 8.58
C GLY A 163 1.38 11.74 7.99
N LYS A 164 1.48 12.00 6.68
CA LYS A 164 2.76 12.08 5.94
C LYS A 164 3.38 10.69 5.73
N VAL A 165 3.49 9.88 6.78
CA VAL A 165 4.19 8.58 6.66
C VAL A 165 3.40 7.48 7.40
N PHE A 166 3.72 6.23 7.07
CA PHE A 166 3.11 5.07 7.75
C PHE A 166 3.41 5.11 9.26
N ARG A 167 2.38 4.83 10.07
CA ARG A 167 2.51 4.94 11.55
C ARG A 167 3.57 3.99 12.11
N GLY A 168 3.80 2.83 11.47
CA GLY A 168 4.83 1.94 11.93
C GLY A 168 6.21 2.58 11.87
N ASN A 169 6.46 3.42 10.84
CA ASN A 169 7.74 4.12 10.74
C ASN A 169 7.87 5.15 11.86
N LYS A 170 6.78 5.83 12.21
CA LYS A 170 6.77 6.78 13.35
C LYS A 170 7.21 6.07 14.63
N VAL A 171 6.65 4.88 14.87
CA VAL A 171 6.92 4.15 16.10
C VAL A 171 8.38 3.66 16.09
N LYS A 172 8.87 3.18 14.95
N LYS A 172 8.86 3.17 14.94
CA LYS A 172 10.26 2.74 14.85
CA LYS A 172 10.24 2.75 14.81
C LYS A 172 11.17 3.93 15.14
C LYS A 172 11.17 3.92 15.14
N ASN A 173 10.83 5.10 14.60
CA ASN A 173 11.65 6.30 14.77
C ASN A 173 11.63 6.72 16.25
N ALA A 174 10.45 6.65 16.87
CA ALA A 174 10.32 7.02 18.31
C ALA A 174 11.16 6.07 19.17
N GLN A 175 11.10 4.78 18.83
CA GLN A 175 11.85 3.74 19.54
C GLN A 175 13.36 4.04 19.49
N LEU A 176 13.86 4.37 18.30
CA LEU A 176 15.29 4.56 18.13
C LEU A 176 15.74 5.87 18.78
N ALA A 177 14.80 6.80 18.99
CA ALA A 177 15.05 8.05 19.74
C ALA A 177 15.02 7.79 21.24
N GLY A 178 14.67 6.58 21.68
CA GLY A 178 14.69 6.21 23.10
C GLY A 178 13.39 6.52 23.83
N ALA A 179 12.31 6.75 23.10
CA ALA A 179 11.00 7.02 23.71
C ALA A 179 10.54 5.81 24.54
N LYS A 180 9.72 6.05 25.56
CA LYS A 180 9.23 4.91 26.33
C LYS A 180 7.75 4.65 26.03
N GLY A 181 7.17 5.43 25.14
CA GLY A 181 5.79 5.25 24.73
C GLY A 181 5.47 6.21 23.60
N VAL A 182 4.43 5.93 22.81
CA VAL A 182 4.03 6.82 21.72
C VAL A 182 2.52 7.02 21.81
N ILE A 183 2.10 8.28 21.71
CA ILE A 183 0.68 8.62 21.57
C ILE A 183 0.51 9.20 20.16
N LEU A 184 -0.39 8.58 19.38
CA LEU A 184 -0.68 9.05 18.04
C LEU A 184 -2.04 9.75 18.08
N TYR A 185 -2.18 10.86 17.37
CA TYR A 185 -3.47 11.55 17.36
C TYR A 185 -3.71 12.12 15.96
N SER A 186 -4.99 12.37 15.66
CA SER A 186 -5.39 12.97 14.41
C SER A 186 -5.55 14.48 14.56
N ASP A 187 -4.66 15.27 13.96
CA ASP A 187 -4.80 16.73 14.02
C ASP A 187 -5.79 17.22 12.97
N PRO A 188 -6.68 18.17 13.33
CA PRO A 188 -7.59 18.70 12.32
C PRO A 188 -6.86 19.28 11.09
N ALA A 189 -5.61 19.71 11.25
CA ALA A 189 -4.84 20.20 10.11
C ALA A 189 -4.77 19.13 9.01
N ASP A 190 -4.72 17.88 9.43
CA ASP A 190 -4.51 16.76 8.51
C ASP A 190 -5.78 15.94 8.23
N TYR A 191 -6.83 16.13 9.04
CA TYR A 191 -8.01 15.26 8.96
C TYR A 191 -9.32 16.06 9.04
N PHE A 192 -9.26 17.37 8.81
CA PHE A 192 -10.48 18.19 8.81
C PHE A 192 -10.38 19.20 7.66
N ALA A 193 -11.07 18.92 6.57
CA ALA A 193 -11.05 19.83 5.42
C ALA A 193 -11.86 21.09 5.78
N PRO A 194 -11.26 22.27 5.61
CA PRO A 194 -12.00 23.52 5.86
C PRO A 194 -13.33 23.58 5.11
N GLY A 195 -14.39 23.99 5.80
CA GLY A 195 -15.67 24.25 5.15
C GLY A 195 -16.54 23.02 5.02
N VAL A 196 -16.09 21.89 5.58
CA VAL A 196 -16.84 20.62 5.50
C VAL A 196 -17.26 20.24 6.93
N LYS A 197 -18.45 19.69 7.08
N LYS A 197 -18.45 19.65 7.04
CA LYS A 197 -18.94 19.36 8.41
CA LYS A 197 -19.00 19.27 8.34
C LYS A 197 -18.50 17.94 8.80
C LYS A 197 -18.37 17.95 8.79
N SER A 198 -18.36 17.73 10.11
CA SER A 198 -18.02 16.44 10.72
C SER A 198 -19.11 15.42 10.42
N TYR A 199 -18.72 14.13 10.38
CA TYR A 199 -19.68 13.04 10.31
C TYR A 199 -20.65 13.17 11.51
N PRO A 200 -21.97 13.00 11.34
CA PRO A 200 -22.67 12.46 10.16
C PRO A 200 -23.16 13.49 9.12
N ASP A 201 -22.80 14.75 9.30
CA ASP A 201 -23.36 15.82 8.46
C ASP A 201 -22.44 16.16 7.32
N GLY A 202 -21.23 15.60 7.35
CA GLY A 202 -20.29 15.71 6.25
C GLY A 202 -19.23 14.63 6.35
N TRP A 203 -18.12 14.78 5.62
CA TRP A 203 -17.14 13.66 5.57
C TRP A 203 -15.90 13.93 6.43
N ASN A 204 -15.96 14.92 7.33
CA ASN A 204 -14.82 15.26 8.20
C ASN A 204 -14.78 14.39 9.46
N LEU A 205 -13.60 14.29 10.05
CA LEU A 205 -13.40 13.59 11.30
C LEU A 205 -13.87 14.46 12.47
N PRO A 206 -14.79 13.94 13.29
CA PRO A 206 -15.19 14.58 14.53
C PRO A 206 -14.10 14.45 15.60
N GLY A 207 -14.16 15.29 16.63
CA GLY A 207 -13.10 15.32 17.64
C GLY A 207 -13.00 14.05 18.46
N GLY A 208 -14.05 13.23 18.42
CA GLY A 208 -14.04 11.95 19.15
C GLY A 208 -13.65 10.79 18.25
N GLY A 209 -13.45 11.07 16.96
CA GLY A 209 -13.02 10.03 15.99
C GLY A 209 -11.56 9.66 16.18
N VAL A 210 -11.24 8.38 15.95
CA VAL A 210 -9.87 7.90 16.13
C VAL A 210 -9.54 6.92 15.01
N GLN A 211 -8.30 7.01 14.54
CA GLN A 211 -7.78 6.15 13.48
C GLN A 211 -7.08 4.94 14.12
N ARG A 212 -7.64 3.76 13.86
CA ARG A 212 -7.00 2.48 14.21
C ARG A 212 -5.86 2.19 13.23
N GLY A 213 -5.04 1.22 13.58
CA GLY A 213 -4.06 0.70 12.61
C GLY A 213 -2.88 0.01 13.27
N ASN A 214 -2.31 -0.97 12.56
CA ASN A 214 -1.17 -1.70 13.10
C ASN A 214 0.08 -0.82 13.03
N ILE A 215 1.03 -1.12 13.93
CA ILE A 215 2.26 -0.34 14.08
C ILE A 215 3.48 -1.26 13.91
N LEU A 216 3.34 -2.30 13.08
CA LEU A 216 4.44 -3.24 12.82
C LEU A 216 5.46 -2.63 11.86
N ASN A 217 6.67 -3.19 11.92
CA ASN A 217 7.69 -2.96 10.90
C ASN A 217 8.12 -4.31 10.31
N LEU A 218 7.25 -4.89 9.48
CA LEU A 218 7.47 -6.26 8.99
C LEU A 218 8.47 -6.30 7.83
N ASN A 219 8.62 -5.21 7.07
CA ASN A 219 9.49 -5.22 5.88
C ASN A 219 9.17 -6.40 4.94
N GLY A 220 7.89 -6.73 4.80
CA GLY A 220 7.49 -7.73 3.80
C GLY A 220 7.39 -9.14 4.37
N ALA A 221 7.62 -9.34 5.67
CA ALA A 221 7.76 -10.71 6.21
C ALA A 221 6.42 -11.48 6.30
N GLY A 222 5.29 -10.79 6.41
CA GLY A 222 4.00 -11.46 6.67
C GLY A 222 3.81 -11.79 8.14
N ASP A 223 3.22 -12.92 8.47
CA ASP A 223 3.01 -13.28 9.87
C ASP A 223 4.32 -13.17 10.65
N PRO A 224 4.32 -12.40 11.77
CA PRO A 224 5.54 -12.20 12.53
C PRO A 224 6.26 -13.49 13.01
N LEU A 225 5.50 -14.57 13.14
CA LEU A 225 6.07 -15.77 13.73
C LEU A 225 6.61 -16.77 12.69
N THR A 226 6.34 -16.56 11.41
CA THR A 226 6.69 -17.59 10.39
C THR A 226 7.32 -16.98 9.13
N PRO A 227 8.28 -16.08 9.27
CA PRO A 227 8.85 -15.43 8.06
C PRO A 227 9.44 -16.46 7.07
N GLY A 228 9.01 -16.39 5.81
CA GLY A 228 9.55 -17.26 4.73
C GLY A 228 8.63 -18.44 4.38
N TYR A 229 7.69 -18.78 5.26
CA TYR A 229 6.95 -20.06 5.14
C TYR A 229 5.50 -19.85 5.59
N PRO A 230 4.57 -20.57 4.97
CA PRO A 230 3.17 -20.37 5.35
C PRO A 230 2.86 -20.85 6.77
N ALA A 231 1.98 -20.08 7.44
CA ALA A 231 1.58 -20.39 8.80
C ALA A 231 0.48 -21.47 8.78
N ASN A 232 0.89 -22.66 8.33
CA ASN A 232 -0.05 -23.78 8.17
C ASN A 232 -0.15 -24.56 9.48
N GLU A 233 -0.76 -25.76 9.44
CA GLU A 233 -1.08 -26.50 10.66
C GLU A 233 0.19 -27.01 11.34
N TYR A 234 1.26 -27.27 10.58
CA TYR A 234 2.43 -27.90 11.20
C TYR A 234 3.59 -26.91 11.32
N ALA A 235 3.30 -25.62 11.10
CA ALA A 235 4.33 -24.59 11.07
C ALA A 235 5.09 -24.53 12.39
N TYR A 236 6.39 -24.29 12.26
N TYR A 236 6.39 -24.31 12.34
CA TYR A 236 7.26 -23.85 13.35
CA TYR A 236 7.13 -24.14 13.58
C TYR A 236 7.04 -22.34 13.53
C TYR A 236 7.36 -22.64 13.80
N ARG A 237 6.88 -21.93 14.78
N ARG A 237 6.85 -22.11 14.90
CA ARG A 237 6.65 -20.54 15.06
CA ARG A 237 6.80 -20.67 15.09
C ARG A 237 7.74 -20.03 16.00
C ARG A 237 8.00 -20.18 15.88
N ARG A 238 8.37 -18.94 15.61
CA ARG A 238 9.31 -18.23 16.48
C ARG A 238 8.58 -17.89 17.79
N GLY A 239 9.38 -17.82 18.86
CA GLY A 239 8.90 -17.23 20.09
C GLY A 239 8.68 -15.74 19.88
N ILE A 240 7.82 -15.14 20.69
N ILE A 240 7.86 -15.16 20.74
CA ILE A 240 7.51 -13.72 20.58
CA ILE A 240 7.46 -13.77 20.63
C ILE A 240 8.80 -12.90 20.54
C ILE A 240 8.70 -12.86 20.66
N ALA A 241 9.76 -13.26 21.39
CA ALA A 241 10.98 -12.45 21.53
C ALA A 241 11.77 -12.39 20.21
N GLU A 242 11.57 -13.37 19.32
CA GLU A 242 12.30 -13.42 18.06
C GLU A 242 11.37 -13.10 16.87
N ALA A 243 10.12 -12.74 17.16
CA ALA A 243 9.14 -12.41 16.11
C ALA A 243 9.62 -11.21 15.28
N VAL A 244 9.09 -11.12 14.05
CA VAL A 244 9.46 -10.02 13.17
C VAL A 244 8.56 -8.82 13.43
N GLY A 245 9.18 -7.65 13.64
CA GLY A 245 8.49 -6.36 13.39
C GLY A 245 7.70 -5.80 14.56
N LEU A 246 7.75 -6.42 15.73
CA LEU A 246 6.90 -5.99 16.86
C LEU A 246 7.53 -4.77 17.53
N PRO A 247 6.70 -3.80 17.95
CA PRO A 247 7.17 -2.59 18.64
C PRO A 247 7.58 -2.96 20.08
N SER A 248 8.54 -2.21 20.64
N SER A 248 8.52 -2.19 20.64
CA SER A 248 9.06 -2.52 21.98
CA SER A 248 9.10 -2.49 21.96
C SER A 248 8.44 -1.62 23.05
C SER A 248 8.61 -1.51 23.02
N ILE A 249 7.75 -0.57 22.62
CA ILE A 249 7.16 0.42 23.56
C ILE A 249 5.65 0.51 23.32
N PRO A 250 4.89 0.79 24.38
CA PRO A 250 3.43 0.91 24.24
C PRO A 250 3.01 2.09 23.34
N VAL A 251 1.92 1.90 22.59
CA VAL A 251 1.44 2.89 21.64
C VAL A 251 -0.09 2.90 21.66
N HIS A 252 -0.69 4.08 21.52
CA HIS A 252 -2.14 4.21 21.54
C HIS A 252 -2.56 5.44 20.73
N PRO A 253 -3.67 5.32 19.96
CA PRO A 253 -4.19 6.45 19.18
C PRO A 253 -5.39 7.14 19.87
N ILE A 254 -5.48 8.44 19.66
CA ILE A 254 -6.55 9.28 20.23
C ILE A 254 -7.04 10.28 19.18
N GLY A 255 -8.21 10.87 19.45
CA GLY A 255 -8.77 11.93 18.65
C GLY A 255 -8.33 13.30 19.10
N TYR A 256 -8.76 14.33 18.39
CA TYR A 256 -8.21 15.66 18.64
C TYR A 256 -8.85 16.33 19.85
N TYR A 257 -10.05 15.94 20.27
CA TYR A 257 -10.59 16.45 21.56
C TYR A 257 -9.66 16.03 22.69
N ASP A 258 -9.28 14.76 22.72
CA ASP A 258 -8.33 14.25 23.71
C ASP A 258 -6.93 14.79 23.55
N ALA A 259 -6.49 14.95 22.30
CA ALA A 259 -5.14 15.45 22.04
C ALA A 259 -5.01 16.89 22.57
N GLN A 260 -6.07 17.68 22.41
CA GLN A 260 -6.06 19.07 22.88
C GLN A 260 -5.76 19.10 24.39
N LYS A 261 -6.35 18.19 25.15
CA LYS A 261 -6.14 18.12 26.59
C LYS A 261 -4.69 17.74 26.94
N LEU A 262 -4.05 16.91 26.13
CA LEU A 262 -2.66 16.51 26.41
C LEU A 262 -1.68 17.61 25.96
N LEU A 263 -2.03 18.35 24.91
CA LEU A 263 -1.07 19.28 24.29
C LEU A 263 -1.14 20.67 24.94
N GLU A 264 -2.30 21.02 25.49
CA GLU A 264 -2.57 22.43 25.90
C GLU A 264 -1.59 22.86 27.00
N LYS A 265 -1.13 21.93 27.83
CA LYS A 265 -0.30 22.28 28.98
C LYS A 265 1.19 22.23 28.62
N MET A 266 1.54 21.88 27.38
CA MET A 266 2.94 21.60 27.05
C MET A 266 3.82 22.87 27.11
N GLY A 267 4.99 22.68 27.73
CA GLY A 267 5.96 23.75 27.91
C GLY A 267 7.26 23.48 27.17
N GLY A 268 8.38 23.83 27.80
CA GLY A 268 9.70 23.72 27.17
C GLY A 268 9.79 24.56 25.91
N SER A 269 10.53 24.05 24.93
CA SER A 269 10.86 24.79 23.71
C SER A 269 9.62 25.03 22.86
N ALA A 270 9.60 26.17 22.17
CA ALA A 270 8.56 26.47 21.19
C ALA A 270 8.77 25.59 19.96
N PRO A 271 7.71 25.41 19.14
CA PRO A 271 7.85 24.74 17.85
C PRO A 271 8.93 25.46 17.02
N PRO A 272 9.75 24.71 16.28
CA PRO A 272 10.87 25.33 15.56
C PRO A 272 10.41 26.20 14.39
N ASP A 273 9.25 25.89 13.83
CA ASP A 273 8.66 26.69 12.75
C ASP A 273 7.22 26.28 12.53
N SER A 274 6.58 26.86 11.51
CA SER A 274 5.13 26.74 11.30
C SER A 274 4.73 25.33 10.81
N SER A 275 5.68 24.60 10.22
CA SER A 275 5.42 23.26 9.67
C SER A 275 5.17 22.26 10.81
N TRP A 276 5.38 22.72 12.04
CA TRP A 276 5.25 21.92 13.25
C TRP A 276 3.93 22.21 13.97
N ARG A 277 3.21 23.24 13.51
N ARG A 277 3.22 23.23 13.51
CA ARG A 277 1.95 23.64 14.15
CA ARG A 277 1.96 23.63 14.15
C ARG A 277 0.77 23.06 13.36
C ARG A 277 0.76 23.07 13.36
N GLY A 278 -0.10 22.34 14.06
CA GLY A 278 -1.39 21.92 13.51
C GLY A 278 -2.45 23.00 13.72
N SER A 279 -3.72 22.60 13.77
CA SER A 279 -4.82 23.57 13.74
C SER A 279 -5.51 23.71 15.11
N LEU A 280 -5.06 23.00 16.13
CA LEU A 280 -5.67 23.10 17.45
C LEU A 280 -5.23 24.43 18.10
N LYS A 281 -6.06 24.89 19.03
CA LYS A 281 -5.76 26.13 19.75
C LYS A 281 -4.80 25.83 20.90
N VAL A 282 -3.57 25.48 20.52
CA VAL A 282 -2.50 25.15 21.45
C VAL A 282 -1.20 25.69 20.87
N PRO A 283 -0.16 25.88 21.71
CA PRO A 283 1.12 26.42 21.25
C PRO A 283 1.91 25.47 20.34
N TYR A 284 1.74 24.17 20.53
CA TYR A 284 2.55 23.14 19.82
C TYR A 284 4.00 23.17 20.33
N ASN A 285 4.17 23.48 21.61
CA ASN A 285 5.48 23.43 22.26
C ASN A 285 5.98 21.99 22.22
N VAL A 286 7.28 21.83 22.05
CA VAL A 286 7.88 20.50 21.88
C VAL A 286 8.08 19.86 23.26
N GLY A 287 8.08 20.66 24.33
CA GLY A 287 8.42 20.10 25.64
C GLY A 287 9.92 20.10 25.86
N PRO A 288 10.44 19.18 26.67
CA PRO A 288 9.66 18.13 27.35
C PRO A 288 8.81 18.67 28.50
N GLY A 289 7.68 18.01 28.76
CA GLY A 289 6.87 18.29 29.95
C GLY A 289 5.98 19.50 29.80
N PHE A 290 5.28 19.81 30.89
CA PHE A 290 4.23 20.83 30.94
C PHE A 290 4.80 22.16 31.49
N THR A 291 4.05 23.24 31.32
CA THR A 291 4.43 24.57 31.86
C THR A 291 4.50 24.52 33.39
N GLY A 292 5.12 25.55 33.97
CA GLY A 292 5.53 25.59 35.39
C GLY A 292 4.43 25.20 36.37
N ASN A 293 3.21 25.66 36.13
CA ASN A 293 2.09 25.41 37.05
C ASN A 293 1.72 23.92 37.07
N PHE A 294 2.07 23.20 35.99
CA PHE A 294 1.67 21.81 35.82
C PHE A 294 2.90 20.91 35.70
N SER A 295 4.06 21.47 36.03
CA SER A 295 5.35 20.84 35.79
C SER A 295 5.45 19.49 36.51
N THR A 296 4.64 19.27 37.54
CA THR A 296 4.73 18.04 38.33
C THR A 296 3.69 17.01 37.86
N GLN A 297 2.78 17.42 36.98
CA GLN A 297 1.85 16.48 36.36
C GLN A 297 2.61 15.68 35.30
N LYS A 298 2.23 14.41 35.12
CA LYS A 298 2.87 13.56 34.11
C LYS A 298 1.78 12.88 33.27
N VAL A 299 2.20 12.18 32.21
CA VAL A 299 1.27 11.42 31.38
C VAL A 299 1.51 9.92 31.61
N LYS A 300 0.42 9.18 31.71
CA LYS A 300 0.47 7.75 31.97
C LYS A 300 -0.37 7.01 30.92
N MET A 301 0.26 6.03 30.27
CA MET A 301 -0.48 5.18 29.34
C MET A 301 -0.91 3.90 30.09
N HIS A 302 -2.02 3.31 29.67
CA HIS A 302 -2.41 2.00 30.18
C HIS A 302 -2.80 1.12 28.99
N ILE A 303 -1.90 0.21 28.62
CA ILE A 303 -2.12 -0.64 27.45
C ILE A 303 -2.09 -2.11 27.89
N HIS A 304 -3.15 -2.83 27.54
CA HIS A 304 -3.35 -4.20 28.03
C HIS A 304 -3.74 -5.14 26.88
N SER A 305 -3.55 -4.67 25.64
CA SER A 305 -3.86 -5.48 24.45
C SER A 305 -3.01 -6.76 24.47
N THR A 306 -3.50 -7.82 23.83
CA THR A 306 -2.76 -9.09 23.79
C THR A 306 -2.56 -9.57 22.35
N ASN A 307 -1.40 -10.12 22.10
CA ASN A 307 -1.12 -10.75 20.81
C ASN A 307 -1.55 -12.20 20.91
N GLU A 308 -2.22 -12.72 19.89
CA GLU A 308 -2.71 -14.08 19.94
C GLU A 308 -2.74 -14.69 18.53
N VAL A 309 -2.28 -15.92 18.46
CA VAL A 309 -2.34 -16.67 17.19
C VAL A 309 -3.81 -17.02 16.93
N THR A 310 -4.28 -16.66 15.73
CA THR A 310 -5.69 -16.67 15.40
C THR A 310 -5.86 -17.14 13.94
N ARG A 311 -6.94 -17.86 13.66
CA ARG A 311 -7.15 -18.39 12.30
C ARG A 311 -7.73 -17.28 11.41
N ILE A 312 -7.22 -17.21 10.19
CA ILE A 312 -7.68 -16.24 9.16
C ILE A 312 -8.03 -17.03 7.90
N TYR A 313 -8.81 -16.42 7.02
CA TYR A 313 -9.37 -17.16 5.88
C TYR A 313 -9.33 -16.30 4.62
N ASN A 314 -8.57 -16.75 3.62
CA ASN A 314 -8.61 -16.13 2.31
C ASN A 314 -9.62 -16.90 1.44
N VAL A 315 -10.34 -16.18 0.60
CA VAL A 315 -11.17 -16.86 -0.42
C VAL A 315 -10.40 -16.79 -1.74
N ILE A 316 -10.22 -17.94 -2.41
N ILE A 316 -10.11 -17.94 -2.36
CA ILE A 316 -9.46 -18.01 -3.66
CA ILE A 316 -9.47 -17.95 -3.67
C ILE A 316 -10.37 -18.64 -4.73
C ILE A 316 -10.43 -18.59 -4.68
N GLY A 317 -10.75 -17.83 -5.71
CA GLY A 317 -11.59 -18.33 -6.83
C GLY A 317 -10.76 -18.48 -8.09
N THR A 318 -11.05 -19.51 -8.88
CA THR A 318 -10.30 -19.76 -10.11
C THR A 318 -11.27 -19.78 -11.29
N LEU A 319 -10.91 -19.07 -12.35
CA LEU A 319 -11.56 -19.20 -13.66
C LEU A 319 -10.49 -19.70 -14.64
N ARG A 320 -10.55 -20.98 -14.97
N ARG A 320 -10.53 -20.99 -14.95
CA ARG A 320 -9.51 -21.66 -15.76
CA ARG A 320 -9.46 -21.66 -15.70
C ARG A 320 -9.40 -21.02 -17.15
C ARG A 320 -9.38 -21.13 -17.14
N GLY A 321 -8.15 -20.82 -17.59
CA GLY A 321 -7.89 -20.32 -18.95
C GLY A 321 -8.13 -21.40 -19.99
N ALA A 322 -8.59 -20.97 -21.16
CA ALA A 322 -8.94 -21.91 -22.25
C ALA A 322 -7.68 -22.39 -22.98
N VAL A 323 -6.67 -21.52 -23.06
CA VAL A 323 -5.49 -21.76 -23.93
C VAL A 323 -4.23 -21.88 -23.05
N GLU A 324 -4.06 -20.93 -22.12
CA GLU A 324 -2.88 -20.94 -21.23
C GLU A 324 -3.32 -21.02 -19.76
N PRO A 325 -3.86 -22.16 -19.33
CA PRO A 325 -4.37 -22.38 -17.98
C PRO A 325 -3.25 -22.27 -16.94
N ASP A 326 -2.00 -22.42 -17.39
CA ASP A 326 -0.87 -22.33 -16.47
C ASP A 326 -0.27 -20.92 -16.47
N ARG A 327 -1.06 -19.91 -16.83
CA ARG A 327 -0.63 -18.53 -16.70
C ARG A 327 -1.70 -17.81 -15.87
N TYR A 328 -1.28 -17.12 -14.81
CA TYR A 328 -2.25 -16.61 -13.83
C TYR A 328 -2.26 -15.08 -13.83
N VAL A 329 -3.47 -14.54 -13.94
CA VAL A 329 -3.71 -13.11 -13.77
C VAL A 329 -4.54 -12.99 -12.49
N ILE A 330 -4.07 -12.23 -11.51
CA ILE A 330 -4.67 -12.26 -10.19
C ILE A 330 -5.31 -10.91 -9.90
N LEU A 331 -6.58 -10.95 -9.49
CA LEU A 331 -7.26 -9.75 -8.95
C LEU A 331 -7.52 -10.00 -7.47
N GLY A 332 -6.89 -9.20 -6.61
CA GLY A 332 -6.95 -9.52 -5.18
C GLY A 332 -7.16 -8.24 -4.38
N GLY A 333 -7.95 -8.36 -3.33
CA GLY A 333 -8.01 -7.28 -2.34
C GLY A 333 -8.54 -7.83 -1.03
N HIS A 334 -8.43 -7.05 0.04
CA HIS A 334 -8.78 -7.61 1.35
C HIS A 334 -10.26 -7.42 1.70
N ARG A 335 -10.67 -8.17 2.71
CA ARG A 335 -12.06 -8.28 3.15
C ARG A 335 -12.18 -7.85 4.61
N ASP A 336 -11.14 -8.12 5.40
CA ASP A 336 -11.16 -7.72 6.82
C ASP A 336 -11.16 -6.20 6.94
N SER A 337 -11.88 -5.69 7.95
CA SER A 337 -11.96 -4.25 8.18
C SER A 337 -11.67 -3.97 9.65
N TRP A 338 -11.39 -2.71 9.98
CA TRP A 338 -11.23 -2.32 11.37
C TRP A 338 -12.60 -2.29 12.06
N VAL A 339 -13.58 -1.60 11.45
CA VAL A 339 -14.97 -1.67 11.94
C VAL A 339 -15.89 -2.01 10.75
N PHE A 340 -16.64 -1.05 10.20
CA PHE A 340 -17.62 -1.40 9.15
C PHE A 340 -16.99 -1.47 7.76
N GLY A 341 -15.85 -0.80 7.56
CA GLY A 341 -15.11 -0.86 6.28
C GLY A 341 -15.86 -0.23 5.11
N GLY A 342 -16.63 0.82 5.38
CA GLY A 342 -17.49 1.42 4.34
C GLY A 342 -16.68 1.82 3.11
N ILE A 343 -15.52 2.41 3.31
CA ILE A 343 -14.59 2.63 2.19
C ILE A 343 -13.55 1.49 2.19
N ASP A 344 -12.85 1.35 3.31
CA ASP A 344 -11.68 0.46 3.40
C ASP A 344 -12.04 -0.83 4.18
N PRO A 345 -12.21 -2.00 3.54
CA PRO A 345 -11.96 -2.25 2.11
C PRO A 345 -13.22 -2.47 1.27
N GLN A 346 -14.41 -2.31 1.84
CA GLN A 346 -15.56 -2.90 1.17
C GLN A 346 -15.90 -2.15 -0.14
N SER A 347 -15.49 -0.90 -0.29
CA SER A 347 -15.72 -0.22 -1.58
C SER A 347 -14.92 -0.91 -2.69
N GLY A 348 -13.80 -1.52 -2.29
CA GLY A 348 -13.00 -2.33 -3.24
C GLY A 348 -13.55 -3.73 -3.38
N ALA A 349 -13.91 -4.37 -2.27
CA ALA A 349 -14.41 -5.75 -2.29
C ALA A 349 -15.73 -5.83 -3.08
N ALA A 350 -16.57 -4.79 -3.02
CA ALA A 350 -17.84 -4.80 -3.75
C ALA A 350 -17.57 -4.74 -5.26
N VAL A 351 -16.53 -3.99 -5.62
CA VAL A 351 -16.09 -3.87 -7.01
C VAL A 351 -15.59 -5.24 -7.49
N VAL A 352 -14.77 -5.92 -6.68
N VAL A 352 -14.79 -5.96 -6.71
CA VAL A 352 -14.28 -7.25 -7.06
CA VAL A 352 -14.30 -7.26 -7.21
C VAL A 352 -15.48 -8.19 -7.29
C VAL A 352 -15.45 -8.28 -7.24
N HIS A 353 -16.44 -8.14 -6.36
CA HIS A 353 -17.61 -9.02 -6.37
C HIS A 353 -18.35 -8.86 -7.71
N GLU A 354 -18.55 -7.62 -8.14
CA GLU A 354 -19.24 -7.33 -9.40
C GLU A 354 -18.38 -7.77 -10.60
N ILE A 355 -17.05 -7.62 -10.49
CA ILE A 355 -16.15 -8.12 -11.57
C ILE A 355 -16.28 -9.63 -11.72
N VAL A 356 -16.27 -10.36 -10.61
CA VAL A 356 -16.45 -11.82 -10.65
C VAL A 356 -17.81 -12.13 -11.29
N ARG A 357 -18.84 -11.44 -10.84
CA ARG A 357 -20.18 -11.71 -11.37
C ARG A 357 -20.19 -11.53 -12.89
N SER A 358 -19.58 -10.45 -13.40
CA SER A 358 -19.54 -10.17 -14.83
C SER A 358 -18.75 -11.27 -15.56
N PHE A 359 -17.55 -11.63 -15.08
CA PHE A 359 -16.79 -12.69 -15.75
C PHE A 359 -17.59 -13.99 -15.76
N GLY A 360 -18.26 -14.30 -14.63
CA GLY A 360 -19.07 -15.50 -14.51
C GLY A 360 -20.24 -15.49 -15.49
N THR A 361 -20.79 -14.32 -15.82
CA THR A 361 -21.89 -14.23 -16.79
C THR A 361 -21.38 -14.68 -18.16
N LEU A 362 -20.20 -14.18 -18.56
CA LEU A 362 -19.61 -14.56 -19.85
C LEU A 362 -19.32 -16.05 -19.87
N LYS A 363 -18.79 -16.57 -18.75
CA LYS A 363 -18.43 -17.97 -18.66
C LYS A 363 -19.68 -18.83 -18.87
N LYS A 364 -20.81 -18.43 -18.27
CA LYS A 364 -22.03 -19.22 -18.38
C LYS A 364 -22.52 -19.25 -19.83
N GLU A 365 -22.12 -18.26 -20.63
CA GLU A 365 -22.48 -18.19 -22.06
C GLU A 365 -21.44 -18.92 -22.92
N GLY A 366 -20.45 -19.52 -22.27
CA GLY A 366 -19.51 -20.43 -22.95
C GLY A 366 -18.14 -19.83 -23.15
N TRP A 367 -17.91 -18.62 -22.66
CA TRP A 367 -16.62 -17.97 -22.85
C TRP A 367 -15.68 -18.42 -21.74
N ARG A 368 -14.40 -18.41 -22.07
CA ARG A 368 -13.33 -18.54 -21.08
C ARG A 368 -12.23 -17.58 -21.50
N PRO A 369 -11.54 -16.97 -20.51
CA PRO A 369 -10.39 -16.15 -20.83
C PRO A 369 -9.28 -17.05 -21.38
N ARG A 370 -8.35 -16.45 -22.08
CA ARG A 370 -7.20 -17.18 -22.64
C ARG A 370 -6.37 -17.77 -21.50
N ARG A 371 -6.02 -16.90 -20.55
CA ARG A 371 -5.24 -17.31 -19.35
C ARG A 371 -6.17 -17.45 -18.13
N THR A 372 -5.70 -18.18 -17.13
CA THR A 372 -6.43 -18.39 -15.87
C THR A 372 -6.49 -17.06 -15.11
N ILE A 373 -7.68 -16.76 -14.58
CA ILE A 373 -7.84 -15.63 -13.65
C ILE A 373 -8.08 -16.18 -12.25
N LEU A 374 -7.28 -15.70 -11.28
CA LEU A 374 -7.49 -15.99 -9.88
C LEU A 374 -8.04 -14.73 -9.21
N PHE A 375 -9.06 -14.95 -8.39
CA PHE A 375 -9.70 -13.87 -7.63
C PHE A 375 -9.48 -14.15 -6.14
N ALA A 376 -9.09 -13.12 -5.40
CA ALA A 376 -8.76 -13.32 -3.98
C ALA A 376 -9.46 -12.27 -3.11
N SER A 377 -10.00 -12.77 -2.01
CA SER A 377 -10.55 -12.02 -0.88
C SER A 377 -9.60 -12.28 0.30
N TRP A 378 -8.67 -11.36 0.54
CA TRP A 378 -7.61 -11.60 1.52
C TRP A 378 -8.11 -11.28 2.92
N ASP A 379 -7.57 -12.01 3.89
CA ASP A 379 -7.88 -11.73 5.29
C ASP A 379 -6.66 -11.09 5.95
N ALA A 380 -6.91 -10.50 7.12
CA ALA A 380 -5.87 -9.96 8.05
C ALA A 380 -4.94 -8.96 7.37
N MET A 381 -5.43 -8.27 6.35
CA MET A 381 -4.60 -7.26 5.71
C MET A 381 -4.27 -6.17 6.73
N GLU A 382 -5.29 -5.80 7.52
CA GLU A 382 -5.13 -4.66 8.45
C GLU A 382 -4.07 -4.97 9.51
N PHE A 383 -3.72 -6.25 9.69
CA PHE A 383 -2.76 -6.63 10.70
C PHE A 383 -1.37 -6.89 10.11
N GLY A 384 -1.13 -6.45 8.86
CA GLY A 384 0.21 -6.51 8.26
C GLY A 384 0.26 -7.28 6.94
N LEU A 385 -0.80 -7.22 6.14
CA LEU A 385 -0.81 -7.88 4.82
C LEU A 385 -0.66 -9.40 5.03
N LEU A 386 -1.27 -9.92 6.10
CA LEU A 386 -0.88 -11.29 6.52
C LEU A 386 -1.49 -12.35 5.59
N GLY A 387 -2.74 -12.21 5.21
CA GLY A 387 -3.40 -13.24 4.37
C GLY A 387 -2.78 -13.35 2.99
N SER A 388 -2.54 -12.22 2.32
CA SER A 388 -1.92 -12.25 0.99
C SER A 388 -0.52 -12.85 1.12
N THR A 389 0.22 -12.41 2.14
CA THR A 389 1.63 -12.83 2.25
C THR A 389 1.72 -14.32 2.56
N GLU A 390 0.87 -14.83 3.46
CA GLU A 390 0.98 -16.27 3.81
C GLU A 390 0.60 -17.11 2.59
N TRP A 391 -0.42 -16.69 1.84
CA TRP A 391 -0.83 -17.44 0.64
C TRP A 391 0.28 -17.44 -0.42
N ALA A 392 0.90 -16.29 -0.62
CA ALA A 392 1.99 -16.18 -1.58
C ALA A 392 3.18 -17.02 -1.10
N GLU A 393 3.43 -17.07 0.23
CA GLU A 393 4.53 -17.92 0.72
C GLU A 393 4.22 -19.39 0.42
N GLU A 394 2.97 -19.78 0.61
N GLU A 394 2.95 -19.78 0.61
CA GLU A 394 2.59 -21.17 0.35
CA GLU A 394 2.52 -21.16 0.37
C GLU A 394 2.79 -21.49 -1.14
C GLU A 394 2.67 -21.51 -1.12
N ASN A 395 2.39 -20.54 -1.99
CA ASN A 395 2.27 -20.81 -3.45
C ASN A 395 3.40 -20.17 -4.26
N SER A 396 4.51 -19.85 -3.61
CA SER A 396 5.54 -19.02 -4.26
C SER A 396 6.07 -19.65 -5.55
N ARG A 397 6.23 -20.98 -5.59
CA ARG A 397 6.80 -21.62 -6.78
C ARG A 397 5.83 -21.51 -7.96
N LEU A 398 4.54 -21.69 -7.68
CA LEU A 398 3.54 -21.53 -8.76
C LEU A 398 3.52 -20.08 -9.23
N LEU A 399 3.57 -19.13 -8.28
CA LEU A 399 3.44 -17.73 -8.67
C LEU A 399 4.68 -17.25 -9.44
N GLN A 400 5.88 -17.67 -9.06
N GLN A 400 5.85 -17.72 -8.97
CA GLN A 400 7.01 -17.09 -9.76
CA GLN A 400 7.17 -17.45 -9.55
C GLN A 400 7.21 -17.73 -11.14
C GLN A 400 7.15 -17.76 -11.05
N GLU A 401 6.69 -18.95 -11.37
CA GLU A 401 6.88 -19.51 -12.72
C GLU A 401 5.64 -19.26 -13.60
N ARG A 402 4.51 -18.91 -13.00
CA ARG A 402 3.25 -18.80 -13.78
C ARG A 402 2.58 -17.43 -13.64
N GLY A 403 3.05 -16.57 -12.74
CA GLY A 403 2.31 -15.33 -12.44
C GLY A 403 2.54 -14.24 -13.47
N VAL A 404 1.48 -13.88 -14.20
CA VAL A 404 1.58 -12.86 -15.21
C VAL A 404 1.50 -11.47 -14.57
N ALA A 405 0.47 -11.27 -13.74
CA ALA A 405 0.21 -9.94 -13.20
C ALA A 405 -0.70 -10.05 -11.98
N TYR A 406 -0.56 -9.04 -11.11
CA TYR A 406 -1.42 -8.90 -9.94
C TYR A 406 -2.02 -7.50 -9.98
N ILE A 407 -3.37 -7.44 -9.93
CA ILE A 407 -4.09 -6.19 -9.83
C ILE A 407 -4.73 -6.13 -8.44
N ASN A 408 -4.39 -5.08 -7.69
CA ASN A 408 -4.90 -4.96 -6.31
C ASN A 408 -6.31 -4.36 -6.33
N ALA A 409 -7.02 -4.53 -5.23
CA ALA A 409 -8.42 -4.06 -5.19
C ALA A 409 -8.83 -3.73 -3.74
N ASP A 410 -8.06 -2.87 -3.10
CA ASP A 410 -8.52 -2.24 -1.85
C ASP A 410 -9.53 -1.11 -2.25
N SER A 411 -9.67 -0.13 -1.35
N SER A 411 -9.81 -0.16 -1.36
CA SER A 411 -10.68 0.93 -1.50
CA SER A 411 -10.94 0.80 -1.54
C SER A 411 -10.73 1.44 -2.95
C SER A 411 -11.00 1.36 -2.97
N SER A 412 -11.96 1.49 -3.48
N SER A 412 -12.21 1.47 -3.55
CA SER A 412 -12.20 1.99 -4.85
CA SER A 412 -12.32 2.00 -4.91
C SER A 412 -12.17 3.53 -4.88
C SER A 412 -12.26 3.54 -4.90
N ILE A 413 -12.43 4.17 -3.74
CA ILE A 413 -12.53 5.65 -3.67
C ILE A 413 -11.79 6.19 -2.45
N GLU A 414 -11.11 7.32 -2.59
CA GLU A 414 -10.65 8.11 -1.45
C GLU A 414 -11.01 9.58 -1.69
N GLY A 415 -11.82 9.79 -2.72
CA GLY A 415 -12.25 11.11 -3.18
C GLY A 415 -13.11 10.95 -4.42
N ASN A 416 -13.51 12.06 -5.03
CA ASN A 416 -14.45 11.98 -6.16
C ASN A 416 -13.97 12.90 -7.28
N TYR A 417 -12.66 13.16 -7.33
CA TYR A 417 -12.09 14.15 -8.24
C TYR A 417 -11.59 13.51 -9.54
N THR A 418 -10.63 12.59 -9.45
CA THR A 418 -10.09 11.98 -10.67
C THR A 418 -9.50 10.61 -10.36
N LEU A 419 -9.04 9.95 -11.41
CA LEU A 419 -8.40 8.63 -11.28
C LEU A 419 -6.99 8.75 -10.70
N ARG A 420 -6.62 7.71 -9.96
N ARG A 420 -6.57 7.71 -9.98
CA ARG A 420 -5.27 7.52 -9.47
CA ARG A 420 -5.22 7.58 -9.43
C ARG A 420 -4.82 6.12 -9.87
C ARG A 420 -4.70 6.16 -9.68
N VAL A 421 -3.64 6.03 -10.49
CA VAL A 421 -3.08 4.71 -10.85
C VAL A 421 -1.63 4.67 -10.37
N ASP A 422 -1.26 3.59 -9.68
CA ASP A 422 0.15 3.31 -9.34
C ASP A 422 0.42 1.93 -9.94
N CYS A 423 1.50 1.78 -10.71
CA CYS A 423 1.75 0.46 -11.31
C CYS A 423 3.18 0.37 -11.83
N THR A 424 3.58 -0.84 -12.16
CA THR A 424 4.83 -1.06 -12.89
C THR A 424 4.79 -0.32 -14.23
N PRO A 425 5.95 0.19 -14.67
CA PRO A 425 6.06 0.78 -16.02
C PRO A 425 5.54 -0.18 -17.09
N LEU A 426 5.61 -1.50 -16.86
CA LEU A 426 5.17 -2.47 -17.88
C LEU A 426 3.68 -2.30 -18.21
N MET A 427 2.91 -1.66 -17.31
CA MET A 427 1.46 -1.56 -17.53
C MET A 427 1.06 -0.14 -17.98
N TYR A 428 2.00 0.78 -18.15
CA TYR A 428 1.63 2.17 -18.49
C TYR A 428 0.81 2.23 -19.79
N SER A 429 1.28 1.53 -20.82
CA SER A 429 0.62 1.58 -22.14
C SER A 429 -0.77 0.95 -22.08
N LEU A 430 -0.89 -0.18 -21.40
CA LEU A 430 -2.16 -0.84 -21.15
C LEU A 430 -3.15 0.15 -20.52
N VAL A 431 -2.68 0.87 -19.51
N VAL A 431 -2.73 0.92 -19.52
CA VAL A 431 -3.56 1.79 -18.75
CA VAL A 431 -3.71 1.75 -18.81
C VAL A 431 -3.99 2.93 -19.67
C VAL A 431 -3.99 3.05 -19.59
N HIS A 432 -3.03 3.53 -20.37
CA HIS A 432 -3.34 4.66 -21.29
C HIS A 432 -4.38 4.19 -22.32
N ASN A 433 -4.18 3.01 -22.89
CA ASN A 433 -5.07 2.54 -23.95
C ASN A 433 -6.46 2.22 -23.39
N LEU A 434 -6.53 1.59 -22.22
CA LEU A 434 -7.82 1.20 -21.68
C LEU A 434 -8.62 2.47 -21.32
N THR A 435 -7.97 3.43 -20.68
CA THR A 435 -8.70 4.62 -20.20
C THR A 435 -9.20 5.45 -21.39
N LYS A 436 -8.56 5.33 -22.55
CA LYS A 436 -9.03 6.04 -23.76
C LYS A 436 -10.35 5.44 -24.26
N GLU A 437 -10.65 4.21 -23.86
N GLU A 437 -10.67 4.22 -23.85
CA GLU A 437 -11.82 3.48 -24.33
CA GLU A 437 -11.84 3.51 -24.34
C GLU A 437 -12.99 3.64 -23.35
C GLU A 437 -12.94 3.45 -23.26
N LEU A 438 -12.71 4.11 -22.13
CA LEU A 438 -13.72 4.19 -21.06
C LEU A 438 -14.32 5.60 -21.03
N LYS A 439 -15.58 5.69 -20.64
CA LYS A 439 -16.27 6.98 -20.49
C LYS A 439 -15.86 7.66 -19.18
N SER A 440 -15.64 8.97 -19.21
CA SER A 440 -15.41 9.72 -17.98
C SER A 440 -16.72 9.85 -17.20
N PRO A 441 -16.66 9.62 -15.88
CA PRO A 441 -17.87 9.80 -15.06
C PRO A 441 -17.95 11.24 -14.52
N ASP A 442 -16.96 12.07 -14.86
CA ASP A 442 -16.81 13.38 -14.22
C ASP A 442 -17.81 14.37 -14.80
N GLU A 443 -18.32 15.25 -13.96
N GLU A 443 -18.29 15.27 -13.95
CA GLU A 443 -19.16 16.34 -14.46
CA GLU A 443 -19.12 16.40 -14.39
C GLU A 443 -18.29 17.33 -15.24
C GLU A 443 -18.26 17.33 -15.26
N GLY A 444 -18.79 17.75 -16.40
CA GLY A 444 -18.05 18.61 -17.30
C GLY A 444 -17.34 17.81 -18.38
N PHE A 445 -17.30 16.49 -18.22
CA PHE A 445 -16.60 15.62 -19.18
C PHE A 445 -17.56 14.59 -19.76
N GLU A 446 -18.84 14.94 -19.81
N GLU A 446 -18.85 14.94 -19.82
CA GLU A 446 -19.85 14.08 -20.41
CA GLU A 446 -19.85 14.07 -20.42
C GLU A 446 -19.45 13.81 -21.87
C GLU A 446 -19.50 13.82 -21.88
N GLY A 447 -19.47 12.54 -22.26
CA GLY A 447 -19.15 12.15 -23.64
C GLY A 447 -17.66 12.10 -23.93
N LYS A 448 -16.82 12.49 -22.96
CA LYS A 448 -15.37 12.44 -23.12
C LYS A 448 -14.82 11.17 -22.45
N SER A 449 -13.61 10.76 -22.86
CA SER A 449 -12.99 9.55 -22.29
C SER A 449 -12.47 9.83 -20.88
N LEU A 450 -12.33 8.76 -20.12
CA LEU A 450 -11.65 8.80 -18.81
C LEU A 450 -10.20 9.28 -19.00
N TYR A 451 -9.52 8.84 -20.07
CA TYR A 451 -8.17 9.33 -20.33
C TYR A 451 -8.17 10.87 -20.38
N GLU A 452 -9.15 11.47 -21.07
CA GLU A 452 -9.18 12.91 -21.24
C GLU A 452 -9.39 13.63 -19.89
N SER A 453 -10.34 13.19 -19.08
CA SER A 453 -10.61 13.87 -17.79
C SER A 453 -9.43 13.68 -16.83
N TRP A 454 -8.90 12.45 -16.79
CA TRP A 454 -7.76 12.11 -15.93
C TRP A 454 -6.51 12.95 -16.27
N THR A 455 -6.21 13.07 -17.57
N THR A 455 -6.21 13.07 -17.57
CA THR A 455 -5.04 13.80 -18.02
CA THR A 455 -5.03 13.82 -18.02
C THR A 455 -5.18 15.30 -17.68
C THR A 455 -5.19 15.30 -17.67
N LYS A 456 -6.40 15.83 -17.85
CA LYS A 456 -6.69 17.24 -17.55
C LYS A 456 -6.54 17.52 -16.05
N LYS A 457 -7.07 16.63 -15.21
CA LYS A 457 -7.12 16.84 -13.75
C LYS A 457 -5.82 16.40 -13.07
N SER A 458 -5.11 15.46 -13.68
CA SER A 458 -3.89 14.93 -13.07
C SER A 458 -2.77 14.83 -14.12
N PRO A 459 -2.27 15.98 -14.61
CA PRO A 459 -1.28 15.92 -15.68
C PRO A 459 0.03 15.27 -15.21
N SER A 460 0.66 14.53 -16.12
CA SER A 460 2.03 14.05 -15.90
C SER A 460 2.95 15.24 -15.64
N PRO A 461 3.83 15.13 -14.63
CA PRO A 461 4.79 16.20 -14.37
C PRO A 461 5.88 16.28 -15.45
N GLU A 462 5.95 15.25 -16.30
N GLU A 462 5.98 15.25 -16.29
CA GLU A 462 7.06 15.06 -17.23
CA GLU A 462 7.07 15.17 -17.26
C GLU A 462 6.59 15.31 -18.67
C GLU A 462 6.54 15.41 -18.68
N PHE A 463 5.42 14.77 -19.04
CA PHE A 463 4.99 14.74 -20.44
C PHE A 463 3.63 15.42 -20.63
N SER A 464 3.58 16.34 -21.58
N SER A 464 3.57 16.36 -21.56
CA SER A 464 2.36 17.02 -21.97
CA SER A 464 2.33 17.05 -21.88
C SER A 464 1.39 16.02 -22.61
C SER A 464 1.39 16.09 -22.63
N GLY A 465 0.12 16.10 -22.24
CA GLY A 465 -0.92 15.30 -22.90
C GLY A 465 -1.02 13.89 -22.34
N MET A 466 -0.26 13.62 -21.27
N MET A 466 -0.29 13.61 -21.27
CA MET A 466 -0.24 12.33 -20.56
CA MET A 466 -0.35 12.31 -20.60
C MET A 466 -0.74 12.55 -19.12
C MET A 466 -0.68 12.51 -19.12
N PRO A 467 -1.35 11.53 -18.51
CA PRO A 467 -1.72 11.57 -17.07
C PRO A 467 -0.56 11.13 -16.15
N ARG A 468 -0.65 11.53 -14.89
CA ARG A 468 0.31 11.08 -13.87
C ARG A 468 0.04 9.60 -13.54
N ILE A 469 1.09 8.77 -13.58
CA ILE A 469 1.01 7.41 -13.04
C ILE A 469 2.19 7.26 -12.08
N SER A 470 1.92 6.83 -10.86
CA SER A 470 2.92 6.81 -9.82
C SER A 470 3.53 5.40 -9.70
N LYS A 471 4.69 5.35 -9.07
N LYS A 471 4.71 5.32 -9.12
CA LYS A 471 5.32 4.10 -8.69
CA LYS A 471 5.31 4.03 -8.83
C LYS A 471 4.44 3.42 -7.64
C LYS A 471 4.56 3.42 -7.62
N LEU A 472 4.56 2.10 -7.54
CA LEU A 472 3.97 1.41 -6.40
C LEU A 472 4.84 1.69 -5.18
N GLY A 473 4.17 2.03 -4.08
CA GLY A 473 4.81 2.05 -2.78
C GLY A 473 4.54 0.73 -2.09
N SER A 474 4.07 0.79 -0.85
CA SER A 474 3.63 -0.43 -0.19
C SER A 474 2.54 -0.10 0.82
N GLY A 475 2.32 -1.00 1.79
CA GLY A 475 1.18 -0.83 2.66
C GLY A 475 -0.09 -1.44 2.08
N ASN A 476 0.02 -2.30 1.06
CA ASN A 476 -1.16 -2.96 0.54
C ASN A 476 -0.77 -4.33 -0.02
N ASP A 477 -1.78 -5.11 -0.41
CA ASP A 477 -1.58 -6.55 -0.59
C ASP A 477 -0.79 -6.94 -1.83
N PHE A 478 -0.49 -5.98 -2.69
CA PHE A 478 0.42 -6.28 -3.82
C PHE A 478 1.88 -6.45 -3.35
N GLU A 479 2.21 -6.15 -2.09
CA GLU A 479 3.63 -6.05 -1.70
C GLU A 479 4.34 -7.39 -1.93
N VAL A 480 3.73 -8.51 -1.50
CA VAL A 480 4.44 -9.79 -1.64
C VAL A 480 4.61 -10.12 -3.14
N PHE A 481 3.58 -9.80 -3.93
CA PHE A 481 3.62 -10.17 -5.35
C PHE A 481 4.67 -9.34 -6.10
N PHE A 482 4.76 -8.06 -5.79
CA PHE A 482 5.62 -7.16 -6.56
C PHE A 482 7.05 -7.15 -5.98
N GLN A 483 7.19 -6.71 -4.72
CA GLN A 483 8.52 -6.48 -4.18
C GLN A 483 9.21 -7.79 -3.72
N ARG A 484 8.45 -8.83 -3.35
CA ARG A 484 9.13 -10.10 -3.00
C ARG A 484 9.28 -10.99 -4.24
N LEU A 485 8.18 -11.21 -4.97
CA LEU A 485 8.20 -12.23 -6.05
C LEU A 485 8.48 -11.64 -7.44
N GLY A 486 8.33 -10.34 -7.66
CA GLY A 486 8.63 -9.74 -8.97
C GLY A 486 7.58 -10.04 -10.01
N ILE A 487 6.31 -9.99 -9.61
CA ILE A 487 5.17 -10.14 -10.55
C ILE A 487 4.63 -8.72 -10.86
N ALA A 488 4.50 -8.40 -12.14
CA ALA A 488 4.01 -7.10 -12.60
C ALA A 488 2.72 -6.79 -11.85
N SER A 489 2.66 -5.62 -11.20
CA SER A 489 1.50 -5.30 -10.33
C SER A 489 0.99 -3.90 -10.64
N GLY A 490 -0.30 -3.70 -10.34
CA GLY A 490 -0.92 -2.37 -10.51
C GLY A 490 -2.10 -2.19 -9.57
N ARG A 491 -2.51 -0.92 -9.42
CA ARG A 491 -3.69 -0.57 -8.61
C ARG A 491 -4.30 0.70 -9.20
N ALA A 492 -5.60 0.91 -8.96
CA ALA A 492 -6.29 2.11 -9.44
C ALA A 492 -7.47 2.41 -8.52
N ARG A 493 -7.73 3.70 -8.31
CA ARG A 493 -8.89 4.11 -7.52
C ARG A 493 -9.24 5.54 -7.90
N TYR A 494 -10.40 6.01 -7.44
CA TYR A 494 -10.69 7.45 -7.53
C TYR A 494 -10.14 8.17 -6.29
N THR A 495 -9.69 9.41 -6.51
CA THR A 495 -8.93 10.12 -5.48
C THR A 495 -9.41 11.59 -5.43
N LYS A 496 -8.88 12.32 -4.45
CA LYS A 496 -9.24 13.72 -4.28
C LYS A 496 -8.29 14.61 -5.11
N ASN A 497 -8.59 15.90 -5.14
CA ASN A 497 -7.73 16.92 -5.73
C ASN A 497 -6.72 17.36 -4.67
N TRP A 498 -5.44 17.06 -4.90
CA TRP A 498 -4.40 17.41 -3.94
C TRP A 498 -4.27 18.94 -3.79
N GLU A 499 -4.71 19.70 -4.79
CA GLU A 499 -4.73 21.16 -4.70
C GLU A 499 -5.78 21.60 -3.67
N THR A 500 -6.88 20.86 -3.58
CA THR A 500 -7.91 21.08 -2.56
C THR A 500 -7.53 20.26 -1.31
N ASN A 501 -6.74 20.87 -0.43
CA ASN A 501 -6.23 20.22 0.79
C ASN A 501 -5.13 19.22 0.44
N LYS A 502 -3.97 19.40 1.08
CA LYS A 502 -2.75 18.68 0.72
C LYS A 502 -2.64 17.37 1.52
N PHE A 503 -3.51 17.19 2.52
CA PHE A 503 -3.44 16.01 3.38
C PHE A 503 -3.73 14.74 2.56
N SER A 504 -3.06 13.65 2.93
CA SER A 504 -3.24 12.37 2.23
C SER A 504 -4.47 11.64 2.78
N GLY A 505 -5.04 10.78 1.94
CA GLY A 505 -6.15 9.92 2.33
C GLY A 505 -7.42 10.70 2.62
N TYR A 506 -8.34 10.06 3.33
CA TYR A 506 -9.64 10.66 3.62
C TYR A 506 -9.78 10.78 5.15
N PRO A 507 -10.53 11.79 5.61
CA PRO A 507 -10.56 12.07 7.05
C PRO A 507 -11.05 10.92 7.94
N LEU A 508 -11.97 10.08 7.46
CA LEU A 508 -12.63 9.08 8.35
C LEU A 508 -11.92 7.72 8.27
N TYR A 509 -10.75 7.72 7.67
CA TYR A 509 -9.90 6.52 7.55
C TYR A 509 -9.75 5.76 8.89
N HIS A 510 -10.17 4.48 8.89
CA HIS A 510 -9.92 3.51 9.98
C HIS A 510 -10.68 3.91 11.26
N SER A 511 -11.71 4.72 11.07
CA SER A 511 -12.61 5.14 12.17
C SER A 511 -13.96 4.39 12.08
N VAL A 512 -14.71 4.38 13.18
CA VAL A 512 -16.06 3.79 13.22
C VAL A 512 -16.98 4.51 12.21
N TYR A 513 -16.60 5.72 11.78
CA TYR A 513 -17.51 6.57 10.98
C TYR A 513 -17.45 6.20 9.49
N GLU A 514 -16.53 5.30 9.14
CA GLU A 514 -16.40 4.84 7.76
C GLU A 514 -17.50 3.82 7.48
N THR A 515 -18.66 4.29 6.99
CA THR A 515 -19.84 3.47 6.89
C THR A 515 -20.40 3.50 5.46
N TYR A 516 -21.38 2.64 5.20
CA TYR A 516 -22.10 2.68 3.94
C TYR A 516 -22.66 4.10 3.71
N GLU A 517 -23.18 4.71 4.77
CA GLU A 517 -23.84 6.02 4.59
C GLU A 517 -22.81 7.08 4.19
N LEU A 518 -21.59 6.98 4.71
CA LEU A 518 -20.54 7.90 4.30
C LEU A 518 -20.39 7.88 2.78
N VAL A 519 -20.40 6.68 2.20
CA VAL A 519 -20.15 6.55 0.77
C VAL A 519 -21.39 7.02 -0.02
N GLU A 520 -22.55 6.49 0.36
CA GLU A 520 -23.80 6.73 -0.36
C GLU A 520 -24.18 8.22 -0.30
N LYS A 521 -23.88 8.89 0.80
N LYS A 521 -23.89 8.89 0.81
CA LYS A 521 -24.31 10.28 0.99
CA LYS A 521 -24.32 10.29 1.00
C LYS A 521 -23.28 11.26 0.45
C LYS A 521 -23.27 11.27 0.47
N PHE A 522 -21.99 11.00 0.71
CA PHE A 522 -20.97 12.04 0.55
C PHE A 522 -19.99 11.72 -0.60
N TYR A 523 -19.70 10.45 -0.87
CA TYR A 523 -18.59 10.18 -1.81
C TYR A 523 -19.12 9.88 -3.21
N ASP A 524 -20.09 8.97 -3.30
CA ASP A 524 -20.49 8.44 -4.62
C ASP A 524 -21.94 7.99 -4.66
N PRO A 525 -22.89 8.95 -4.53
CA PRO A 525 -24.31 8.62 -4.44
C PRO A 525 -24.84 7.74 -5.57
N MET A 526 -24.31 7.95 -6.78
N MET A 526 -24.34 7.94 -6.78
CA MET A 526 -24.77 7.25 -7.99
CA MET A 526 -24.82 7.21 -7.94
C MET A 526 -23.88 6.04 -8.29
C MET A 526 -24.01 5.91 -8.13
N PHE A 527 -22.85 5.83 -7.46
CA PHE A 527 -21.93 4.67 -7.63
C PHE A 527 -21.26 4.70 -9.00
N LYS A 528 -21.18 5.88 -9.60
CA LYS A 528 -20.55 6.01 -10.91
C LYS A 528 -19.02 5.94 -10.80
N TYR A 529 -18.45 6.41 -9.69
CA TYR A 529 -17.00 6.35 -9.51
C TYR A 529 -16.60 4.90 -9.25
N HIS A 530 -17.37 4.20 -8.42
CA HIS A 530 -17.21 2.76 -8.22
C HIS A 530 -17.26 2.03 -9.57
N LEU A 531 -18.27 2.35 -10.40
CA LEU A 531 -18.37 1.67 -11.69
C LEU A 531 -17.13 1.95 -12.54
N THR A 532 -16.65 3.19 -12.56
CA THR A 532 -15.48 3.57 -13.38
C THR A 532 -14.27 2.75 -12.90
N VAL A 533 -14.12 2.67 -11.59
CA VAL A 533 -12.97 1.89 -11.03
C VAL A 533 -13.15 0.38 -11.33
N ALA A 534 -14.37 -0.15 -11.29
CA ALA A 534 -14.61 -1.55 -11.71
C ALA A 534 -14.19 -1.74 -13.18
N GLN A 535 -14.49 -0.74 -14.02
CA GLN A 535 -14.11 -0.83 -15.43
C GLN A 535 -12.60 -0.80 -15.61
N VAL A 536 -11.90 0.02 -14.84
CA VAL A 536 -10.43 0.12 -14.95
C VAL A 536 -9.81 -1.20 -14.44
N ARG A 537 -10.17 -1.61 -13.23
CA ARG A 537 -9.56 -2.83 -12.65
C ARG A 537 -9.94 -4.05 -13.48
N GLY A 538 -11.23 -4.20 -13.78
CA GLY A 538 -11.71 -5.35 -14.54
C GLY A 538 -11.18 -5.37 -15.96
N GLY A 539 -11.12 -4.19 -16.59
CA GLY A 539 -10.58 -4.05 -17.94
C GLY A 539 -9.12 -4.44 -17.99
N MET A 540 -8.36 -4.03 -16.97
CA MET A 540 -6.94 -4.42 -16.91
C MET A 540 -6.83 -5.94 -16.84
N VAL A 541 -7.60 -6.57 -15.95
CA VAL A 541 -7.58 -8.02 -15.78
C VAL A 541 -7.99 -8.68 -17.11
N PHE A 542 -9.03 -8.15 -17.75
CA PHE A 542 -9.51 -8.72 -18.99
C PHE A 542 -8.38 -8.75 -20.05
N GLU A 543 -7.74 -7.62 -20.28
N GLU A 543 -7.69 -7.63 -20.21
CA GLU A 543 -6.67 -7.56 -21.28
CA GLU A 543 -6.67 -7.47 -21.27
C GLU A 543 -5.57 -8.54 -20.88
C GLU A 543 -5.39 -8.24 -20.93
N LEU A 544 -5.08 -8.41 -19.64
CA LEU A 544 -3.94 -9.25 -19.20
C LEU A 544 -4.25 -10.74 -19.42
N ALA A 545 -5.50 -11.14 -19.19
CA ALA A 545 -5.88 -12.53 -19.25
C ALA A 545 -6.27 -12.95 -20.68
N ASN A 546 -6.58 -12.01 -21.56
N ASN A 546 -6.41 -11.98 -21.61
CA ASN A 546 -7.24 -12.48 -22.78
CA ASN A 546 -6.98 -12.27 -22.98
C ASN A 546 -6.40 -12.20 -24.02
C ASN A 546 -6.14 -11.70 -24.15
N SER A 547 -5.59 -11.14 -23.99
N SER A 547 -5.29 -10.72 -23.94
CA SER A 547 -4.80 -10.78 -25.16
CA SER A 547 -4.52 -10.22 -25.09
C SER A 547 -3.86 -11.93 -25.52
C SER A 547 -3.59 -11.31 -25.61
N ILE A 548 -3.61 -12.06 -26.83
N ILE A 548 -3.61 -11.56 -26.92
CA ILE A 548 -2.65 -13.06 -27.30
CA ILE A 548 -2.81 -12.68 -27.47
C ILE A 548 -1.22 -12.64 -26.94
C ILE A 548 -1.37 -12.57 -26.99
N VAL A 549 -0.80 -11.40 -27.24
CA VAL A 549 0.50 -10.96 -26.73
C VAL A 549 0.24 -10.23 -25.42
N LEU A 550 0.99 -10.56 -24.37
CA LEU A 550 0.79 -9.85 -23.10
C LEU A 550 0.94 -8.34 -23.33
N PRO A 551 0.05 -7.55 -22.68
CA PRO A 551 -0.02 -6.11 -22.94
C PRO A 551 0.97 -5.34 -22.05
N PHE A 552 2.24 -5.71 -22.13
CA PHE A 552 3.31 -5.01 -21.45
C PHE A 552 4.23 -4.38 -22.50
N ASP A 553 4.71 -3.18 -22.22
CA ASP A 553 5.68 -2.51 -23.08
C ASP A 553 6.99 -2.30 -22.35
N CYS A 554 7.98 -3.15 -22.66
CA CYS A 554 9.31 -3.07 -22.03
C CYS A 554 9.97 -1.71 -22.25
N ARG A 555 9.65 -0.99 -23.33
CA ARG A 555 10.30 0.28 -23.59
C ARG A 555 9.95 1.32 -22.50
N ASP A 556 8.78 1.16 -21.89
CA ASP A 556 8.40 2.08 -20.82
C ASP A 556 9.27 1.89 -19.58
N TYR A 557 9.75 0.65 -19.36
CA TYR A 557 10.70 0.45 -18.24
C TYR A 557 12.02 1.17 -18.56
N ALA A 558 12.46 1.14 -19.84
CA ALA A 558 13.72 1.80 -20.20
C ALA A 558 13.69 3.31 -19.90
N VAL A 559 12.57 3.96 -20.19
CA VAL A 559 12.42 5.38 -19.97
C VAL A 559 12.51 5.66 -18.46
N VAL A 560 11.80 4.90 -17.63
CA VAL A 560 11.84 5.26 -16.21
C VAL A 560 13.19 4.90 -15.60
N LEU A 561 13.86 3.84 -16.10
CA LEU A 561 15.16 3.48 -15.52
C LEU A 561 16.14 4.64 -15.69
N ARG A 562 16.06 5.34 -16.84
CA ARG A 562 16.94 6.47 -17.08
C ARG A 562 16.59 7.62 -16.12
N LYS A 563 15.30 7.88 -15.92
CA LYS A 563 14.85 8.88 -14.94
C LYS A 563 15.39 8.56 -13.54
N TYR A 564 15.25 7.31 -13.11
CA TYR A 564 15.71 6.94 -11.76
C TYR A 564 17.25 7.00 -11.68
N ALA A 565 17.95 6.64 -12.76
CA ALA A 565 19.42 6.73 -12.74
C ALA A 565 19.85 8.19 -12.61
N ASP A 566 19.25 9.08 -13.40
CA ASP A 566 19.50 10.53 -13.23
C ASP A 566 19.25 11.03 -11.80
N LYS A 567 18.18 10.54 -11.18
N LYS A 567 18.17 10.54 -11.19
CA LYS A 567 17.80 11.01 -9.87
CA LYS A 567 17.75 10.97 -9.85
C LYS A 567 18.83 10.56 -8.83
C LYS A 567 18.79 10.55 -8.82
N ILE A 568 19.23 9.29 -8.87
CA ILE A 568 20.15 8.78 -7.86
C ILE A 568 21.55 9.40 -8.06
N TYR A 569 21.95 9.58 -9.32
CA TYR A 569 23.20 10.27 -9.62
C TYR A 569 23.18 11.68 -9.01
N SER A 570 22.06 12.39 -9.18
N SER A 570 22.05 12.39 -9.14
CA SER A 570 21.96 13.77 -8.68
CA SER A 570 21.95 13.78 -8.68
C SER A 570 22.11 13.81 -7.16
C SER A 570 22.01 13.86 -7.15
N ILE A 571 21.57 12.80 -6.46
CA ILE A 571 21.71 12.74 -5.01
C ILE A 571 23.19 12.58 -4.66
N SER A 572 23.89 11.72 -5.38
CA SER A 572 25.29 11.43 -5.06
C SER A 572 26.14 12.68 -5.29
N MET A 573 25.77 13.43 -6.32
CA MET A 573 26.59 14.57 -6.80
C MET A 573 26.50 15.77 -5.86
N LYS A 574 25.70 15.68 -4.80
N LYS A 574 25.69 15.67 -4.80
CA LYS A 574 25.73 16.68 -3.73
CA LYS A 574 25.71 16.63 -3.69
C LYS A 574 26.99 16.48 -2.88
C LYS A 574 27.04 16.51 -2.94
N HIS A 575 27.76 15.42 -3.17
CA HIS A 575 29.00 15.10 -2.42
C HIS A 575 30.18 14.94 -3.38
N PRO A 576 30.51 15.99 -4.17
CA PRO A 576 31.49 15.82 -5.24
C PRO A 576 32.89 15.46 -4.72
N GLN A 577 33.31 16.02 -3.57
N GLN A 577 33.28 15.96 -3.55
CA GLN A 577 34.63 15.71 -3.03
CA GLN A 577 34.62 15.76 -3.03
C GLN A 577 34.72 14.21 -2.75
C GLN A 577 34.79 14.32 -2.49
N GLU A 578 33.70 13.67 -2.08
CA GLU A 578 33.73 12.24 -1.70
C GLU A 578 33.72 11.37 -2.96
N MET A 579 33.00 11.77 -3.99
CA MET A 579 32.96 10.97 -5.21
C MET A 579 34.36 10.95 -5.85
N LYS A 580 35.10 12.06 -5.74
CA LYS A 580 36.49 12.12 -6.23
C LYS A 580 37.40 11.22 -5.38
N THR A 581 37.35 11.39 -4.05
CA THR A 581 38.18 10.65 -3.11
C THR A 581 37.99 9.15 -3.26
N TYR A 582 36.73 8.71 -3.33
CA TYR A 582 36.47 7.26 -3.31
C TYR A 582 36.21 6.70 -4.71
N SER A 583 36.43 7.50 -5.75
N SER A 583 36.34 7.52 -5.75
CA SER A 583 36.27 7.08 -7.15
CA SER A 583 36.28 7.01 -7.10
C SER A 583 34.87 6.48 -7.35
C SER A 583 34.86 6.48 -7.39
N VAL A 584 33.85 7.22 -6.96
CA VAL A 584 32.45 6.76 -7.05
C VAL A 584 31.94 7.09 -8.46
N SER A 585 31.77 6.08 -9.30
CA SER A 585 31.25 6.33 -10.66
C SER A 585 29.89 5.65 -10.86
N PHE A 586 29.01 6.36 -11.56
CA PHE A 586 27.73 5.79 -11.97
C PHE A 586 27.81 5.31 -13.42
N ASP A 587 29.01 5.28 -14.02
CA ASP A 587 29.10 4.91 -15.42
C ASP A 587 28.50 3.55 -15.74
N SER A 588 28.71 2.55 -14.86
CA SER A 588 28.19 1.22 -15.10
C SER A 588 26.65 1.23 -15.12
N LEU A 589 26.03 2.02 -14.25
CA LEU A 589 24.55 2.03 -14.20
C LEU A 589 23.98 2.69 -15.47
N PHE A 590 24.57 3.80 -15.89
CA PHE A 590 24.12 4.44 -17.12
C PHE A 590 24.35 3.51 -18.32
N SER A 591 25.47 2.81 -18.35
CA SER A 591 25.72 1.84 -19.42
C SER A 591 24.65 0.75 -19.47
N ALA A 592 24.27 0.22 -18.31
CA ALA A 592 23.28 -0.83 -18.26
C ALA A 592 21.92 -0.30 -18.75
N VAL A 593 21.61 0.94 -18.37
CA VAL A 593 20.31 1.53 -18.74
C VAL A 593 20.29 1.77 -20.25
N LYS A 594 21.42 2.25 -20.79
CA LYS A 594 21.56 2.43 -22.26
C LYS A 594 21.37 1.10 -22.99
N ASN A 595 21.99 0.03 -22.46
CA ASN A 595 21.86 -1.29 -23.03
C ASN A 595 20.41 -1.80 -22.94
N PHE A 596 19.76 -1.59 -21.79
CA PHE A 596 18.38 -1.98 -21.62
C PHE A 596 17.51 -1.30 -22.70
N THR A 597 17.75 -0.01 -22.90
CA THR A 597 16.98 0.81 -23.86
C THR A 597 17.14 0.21 -25.27
N GLU A 598 18.39 -0.08 -25.65
N GLU A 598 18.38 -0.11 -25.63
CA GLU A 598 18.70 -0.63 -26.98
CA GLU A 598 18.71 -0.63 -26.95
C GLU A 598 18.08 -2.01 -27.17
C GLU A 598 18.09 -2.01 -27.17
N ILE A 599 18.24 -2.91 -26.19
CA ILE A 599 17.74 -4.26 -26.31
C ILE A 599 16.19 -4.28 -26.29
N ALA A 600 15.58 -3.43 -25.46
CA ALA A 600 14.12 -3.37 -25.36
C ALA A 600 13.57 -2.89 -26.71
N SER A 601 14.25 -1.94 -27.34
CA SER A 601 13.82 -1.43 -28.67
C SER A 601 13.80 -2.56 -29.70
N LYS A 602 14.86 -3.37 -29.73
N LYS A 602 14.87 -3.36 -29.74
CA LYS A 602 14.94 -4.46 -30.70
CA LYS A 602 14.97 -4.47 -30.68
C LYS A 602 13.94 -5.57 -30.36
C LYS A 602 13.93 -5.55 -30.36
N PHE A 603 13.71 -5.84 -29.07
CA PHE A 603 12.73 -6.82 -28.67
C PHE A 603 11.34 -6.39 -29.16
N SER A 604 11.04 -5.10 -29.01
CA SER A 604 9.76 -4.54 -29.42
C SER A 604 9.54 -4.74 -30.93
N GLU A 605 10.60 -4.49 -31.70
CA GLU A 605 10.56 -4.72 -33.17
C GLU A 605 10.19 -6.18 -33.44
N ARG A 606 10.89 -7.13 -32.80
CA ARG A 606 10.62 -8.54 -33.05
C ARG A 606 9.20 -8.91 -32.64
N LEU A 607 8.69 -8.31 -31.56
CA LEU A 607 7.37 -8.65 -31.04
C LEU A 607 6.29 -8.24 -32.06
N GLN A 608 6.55 -7.12 -32.72
N GLN A 608 6.66 -7.42 -33.04
CA GLN A 608 5.60 -6.55 -33.65
CA GLN A 608 5.79 -7.24 -34.22
C GLN A 608 5.78 -7.23 -35.01
C GLN A 608 6.41 -7.81 -35.50
N ASP A 609 7.00 -7.73 -35.27
N ASP A 609 6.83 -9.09 -35.48
CA ASP A 609 7.43 -8.33 -36.54
CA ASP A 609 7.36 -9.73 -36.70
C ASP A 609 7.46 -9.87 -36.60
C ASP A 609 7.17 -11.23 -36.75
N PHE A 610 7.36 -10.55 -35.46
N PHE A 610 6.18 -11.73 -36.00
CA PHE A 610 7.56 -12.01 -35.46
CA PHE A 610 5.96 -13.17 -35.91
C PHE A 610 6.44 -12.70 -36.23
C PHE A 610 4.44 -13.44 -35.88
N ASP A 611 6.71 -13.94 -36.61
N ASP A 611 3.78 -12.57 -35.13
CA ASP A 611 5.74 -14.74 -37.34
CA ASP A 611 2.34 -12.44 -34.97
C ASP A 611 4.56 -15.04 -36.43
C ASP A 611 1.39 -13.49 -35.51
N LYS A 612 3.42 -14.45 -36.77
N LYS A 612 1.65 -14.76 -35.22
CA LYS A 612 2.29 -14.37 -35.89
CA LYS A 612 0.70 -15.72 -35.71
C LYS A 612 1.59 -15.72 -35.82
C LYS A 612 0.42 -16.79 -34.65
N SER A 613 1.94 -16.62 -36.75
N SER A 613 0.02 -17.91 -35.21
CA SER A 613 1.33 -17.94 -36.81
CA SER A 613 -0.53 -19.01 -34.54
C SER A 613 2.05 -18.92 -35.86
C SER A 613 0.53 -20.09 -34.52
N ASN A 614 3.14 -18.48 -35.24
N ASN A 614 1.77 -19.67 -34.29
CA ASN A 614 4.02 -19.40 -34.48
CA ASN A 614 2.84 -20.60 -33.95
C ASN A 614 3.77 -19.22 -32.98
C ASN A 614 2.87 -20.69 -32.42
N PRO A 615 3.04 -20.18 -32.37
N PRO A 615 2.16 -21.66 -31.85
CA PRO A 615 2.66 -20.07 -30.97
CA PRO A 615 1.92 -21.70 -30.40
C PRO A 615 3.88 -20.23 -30.05
C PRO A 615 3.23 -21.58 -29.59
N ILE A 616 4.92 -20.94 -30.49
N ILE A 616 4.30 -22.23 -30.02
CA ILE A 616 6.11 -21.11 -29.66
CA ILE A 616 5.47 -22.28 -29.14
C ILE A 616 6.89 -19.79 -29.60
C ILE A 616 6.27 -20.98 -29.29
N VAL A 617 7.04 -19.13 -30.74
N VAL A 617 6.28 -20.43 -30.49
CA VAL A 617 7.72 -17.85 -30.75
CA VAL A 617 6.95 -19.14 -30.68
C VAL A 617 6.88 -16.86 -29.93
C VAL A 617 6.21 -18.08 -29.87
N LEU A 618 5.56 -16.93 -30.08
N LEU A 618 4.88 -18.14 -29.86
CA LEU A 618 4.68 -16.02 -29.32
CA LEU A 618 4.10 -17.20 -29.09
C LEU A 618 4.90 -16.25 -27.82
C LEU A 618 4.43 -17.41 -27.60
N ARG A 619 4.85 -17.51 -27.38
N ARG A 619 4.48 -18.65 -27.18
CA ARG A 619 4.94 -17.84 -25.96
CA ARG A 619 4.76 -18.94 -25.78
C ARG A 619 6.36 -17.58 -25.48
C ARG A 619 6.09 -18.29 -25.36
N MET A 620 7.36 -17.99 -26.27
N MET A 620 7.08 -18.25 -26.25
CA MET A 620 8.72 -17.58 -25.95
CA MET A 620 8.45 -17.77 -25.87
C MET A 620 8.69 -16.09 -25.66
C MET A 620 8.53 -16.24 -25.65
N MET A 621 8.00 -15.36 -26.53
CA MET A 621 8.08 -13.92 -26.37
C MET A 621 7.14 -13.47 -25.21
N ASN A 622 6.04 -14.17 -24.99
CA ASN A 622 5.15 -13.89 -23.81
C ASN A 622 5.92 -14.22 -22.52
N ASP A 623 6.70 -15.31 -22.53
CA ASP A 623 7.53 -15.62 -21.34
C ASP A 623 8.58 -14.55 -21.10
N GLN A 624 9.20 -14.02 -22.16
CA GLN A 624 10.15 -12.93 -22.00
C GLN A 624 9.46 -11.73 -21.35
N LEU A 625 8.23 -11.43 -21.78
CA LEU A 625 7.47 -10.30 -21.20
C LEU A 625 7.11 -10.57 -19.73
N MET A 626 6.66 -11.79 -19.45
CA MET A 626 6.23 -12.18 -18.09
C MET A 626 7.44 -12.17 -17.14
N PHE A 627 8.57 -12.68 -17.61
CA PHE A 627 9.75 -12.79 -16.71
C PHE A 627 10.57 -11.50 -16.62
N LEU A 628 10.17 -10.42 -17.32
CA LEU A 628 10.95 -9.20 -17.28
C LEU A 628 10.83 -8.54 -15.89
N GLU A 629 9.63 -8.44 -15.33
CA GLU A 629 9.53 -7.92 -13.95
C GLU A 629 10.32 -8.84 -13.02
N ARG A 630 10.28 -10.13 -13.31
CA ARG A 630 10.93 -11.13 -12.44
C ARG A 630 12.44 -10.90 -12.42
N ALA A 631 12.97 -10.38 -13.52
CA ALA A 631 14.42 -10.23 -13.65
C ALA A 631 14.97 -9.16 -12.70
N PHE A 632 14.11 -8.28 -12.17
CA PHE A 632 14.61 -7.23 -11.30
C PHE A 632 14.74 -7.74 -9.86
N ILE A 633 14.37 -8.98 -9.62
CA ILE A 633 14.49 -9.62 -8.27
C ILE A 633 15.95 -10.02 -8.04
N ASP A 634 16.47 -9.68 -6.86
CA ASP A 634 17.78 -10.17 -6.40
C ASP A 634 17.50 -11.20 -5.30
N PRO A 635 17.92 -12.45 -5.49
CA PRO A 635 17.59 -13.48 -4.51
C PRO A 635 18.21 -13.19 -3.13
N LEU A 636 19.19 -12.29 -3.05
CA LEU A 636 19.80 -11.99 -1.72
C LEU A 636 19.06 -10.86 -1.01
N GLY A 637 18.07 -10.25 -1.68
CA GLY A 637 17.27 -9.17 -1.09
C GLY A 637 18.08 -7.88 -0.91
N LEU A 638 17.46 -6.87 -0.32
CA LEU A 638 18.17 -5.64 0.00
C LEU A 638 18.75 -5.75 1.43
N PRO A 639 19.75 -4.90 1.76
CA PRO A 639 20.41 -4.97 3.08
C PRO A 639 19.43 -5.01 4.27
N ASP A 640 19.52 -6.09 5.05
CA ASP A 640 18.69 -6.30 6.25
C ASP A 640 17.19 -6.34 5.98
N ARG A 641 16.81 -6.42 4.70
CA ARG A 641 15.38 -6.54 4.32
C ARG A 641 15.24 -7.67 3.27
N PRO A 642 15.35 -8.91 3.72
CA PRO A 642 15.42 -10.05 2.82
C PRO A 642 14.18 -10.27 1.95
N PHE A 643 13.04 -9.70 2.35
CA PHE A 643 11.79 -9.92 1.62
C PHE A 643 11.51 -8.76 0.66
N TYR A 644 12.38 -7.74 0.66
CA TYR A 644 12.30 -6.72 -0.38
C TYR A 644 13.42 -7.04 -1.37
N ARG A 645 13.04 -7.67 -2.49
N ARG A 645 13.06 -7.69 -2.49
CA ARG A 645 14.02 -8.26 -3.37
CA ARG A 645 14.08 -8.25 -3.38
C ARG A 645 14.10 -7.54 -4.73
C ARG A 645 14.16 -7.47 -4.70
N HIS A 646 13.15 -6.64 -4.98
CA HIS A 646 13.13 -5.89 -6.25
C HIS A 646 14.21 -4.80 -6.17
N VAL A 647 15.11 -4.77 -7.15
CA VAL A 647 16.26 -3.87 -7.09
C VAL A 647 15.83 -2.45 -7.54
N ILE A 648 14.77 -2.37 -8.32
CA ILE A 648 14.35 -1.02 -8.81
C ILE A 648 13.45 -0.33 -7.79
N TYR A 649 12.53 -1.08 -7.19
CA TYR A 649 11.49 -0.50 -6.33
C TYR A 649 11.50 -1.20 -4.96
N ALA A 650 11.57 -0.42 -3.88
CA ALA A 650 11.24 -0.95 -2.55
C ALA A 650 10.40 0.10 -1.83
N PRO A 651 9.65 -0.32 -0.81
CA PRO A 651 9.02 0.67 0.05
C PRO A 651 10.12 1.52 0.70
N SER A 652 9.89 2.84 0.83
N SER A 652 9.92 2.84 0.77
CA SER A 652 10.84 3.71 1.50
CA SER A 652 10.93 3.71 1.37
C SER A 652 11.15 3.22 2.92
C SER A 652 11.10 3.34 2.85
N SER A 653 12.43 3.22 3.28
N SER A 653 12.35 3.20 3.29
CA SER A 653 12.86 2.84 4.64
CA SER A 653 12.64 2.74 4.66
C SER A 653 12.32 3.84 5.69
C SER A 653 12.25 3.81 5.68
N HIS A 654 11.83 4.98 5.20
CA HIS A 654 11.32 6.06 6.09
C HIS A 654 9.79 6.14 6.05
N ASN A 655 9.15 5.43 5.13
CA ASN A 655 7.71 5.56 4.95
C ASN A 655 7.25 4.40 4.06
N LYS A 656 6.71 3.36 4.69
CA LYS A 656 6.31 2.15 3.96
C LYS A 656 5.33 2.47 2.82
N TYR A 657 4.57 3.56 2.93
CA TYR A 657 3.54 3.83 1.92
C TYR A 657 4.16 4.29 0.60
N ALA A 658 5.34 4.92 0.68
CA ALA A 658 5.97 5.57 -0.48
C ALA A 658 6.90 4.56 -1.19
N GLY A 659 6.96 4.64 -2.50
CA GLY A 659 7.97 3.83 -3.19
C GLY A 659 9.29 4.59 -3.30
N GLU A 660 10.40 3.86 -3.24
CA GLU A 660 11.72 4.48 -3.52
C GLU A 660 12.35 3.76 -4.72
N SER A 661 12.96 4.52 -5.63
N SER A 661 12.95 4.51 -5.64
CA SER A 661 13.66 3.91 -6.77
CA SER A 661 13.66 3.88 -6.76
C SER A 661 15.16 3.73 -6.45
C SER A 661 15.14 3.70 -6.40
N PHE A 662 15.75 2.68 -7.02
CA PHE A 662 17.13 2.25 -6.68
C PHE A 662 17.35 2.32 -5.18
N PRO A 663 16.47 1.62 -4.41
CA PRO A 663 16.46 1.75 -2.97
C PRO A 663 17.80 1.38 -2.32
N GLY A 664 18.51 0.41 -2.90
CA GLY A 664 19.79 0.01 -2.33
C GLY A 664 20.78 1.16 -2.34
N ILE A 665 20.86 1.86 -3.48
CA ILE A 665 21.80 3.00 -3.57
C ILE A 665 21.23 4.16 -2.75
N TYR A 666 19.91 4.37 -2.81
CA TYR A 666 19.29 5.47 -2.03
C TYR A 666 19.63 5.35 -0.55
N ASP A 667 19.40 4.19 0.06
CA ASP A 667 19.68 4.06 1.48
C ASP A 667 21.19 4.14 1.78
N ALA A 668 22.05 3.69 0.88
CA ALA A 668 23.50 3.81 1.09
C ALA A 668 23.91 5.30 1.12
N LEU A 669 23.23 6.14 0.35
CA LEU A 669 23.56 7.58 0.29
C LEU A 669 22.87 8.37 1.40
N PHE A 670 21.80 7.84 1.99
CA PHE A 670 20.96 8.67 2.86
C PHE A 670 21.74 9.07 4.11
N ASP A 671 21.76 10.38 4.39
CA ASP A 671 22.45 10.91 5.59
C ASP A 671 23.94 10.48 5.66
N ILE A 672 24.59 10.30 4.50
CA ILE A 672 25.94 9.70 4.46
C ILE A 672 26.95 10.64 5.12
N GLU A 673 26.69 11.94 5.04
CA GLU A 673 27.61 12.94 5.60
C GLU A 673 27.75 12.76 7.11
N SER A 674 26.80 12.04 7.74
CA SER A 674 26.81 11.83 9.19
C SER A 674 27.52 10.53 9.56
N LYS A 675 27.93 9.72 8.57
CA LYS A 675 28.57 8.43 8.87
C LYS A 675 30.01 8.67 9.39
N VAL A 676 30.40 7.88 10.38
N VAL A 676 30.43 7.88 10.38
CA VAL A 676 31.68 8.06 11.08
CA VAL A 676 31.72 8.14 11.05
C VAL A 676 32.84 7.60 10.19
C VAL A 676 32.87 7.58 10.20
N ASP A 677 32.59 6.56 9.39
CA ASP A 677 33.62 5.97 8.53
C ASP A 677 33.24 6.18 7.06
N PRO A 678 33.66 7.33 6.48
CA PRO A 678 33.23 7.66 5.12
C PRO A 678 33.71 6.66 4.06
N SER A 679 34.87 6.04 4.30
N SER A 679 34.96 6.18 4.15
CA SER A 679 35.40 5.00 3.43
CA SER A 679 35.51 5.32 3.10
C SER A 679 34.48 3.78 3.38
C SER A 679 34.60 4.10 2.92
N LYS A 680 34.05 3.29 4.55
N LYS A 680 34.16 3.57 4.08
CA LYS A 680 33.08 2.19 4.61
CA LYS A 680 33.34 2.37 4.14
C LYS A 680 31.80 2.61 3.88
C LYS A 680 31.90 2.70 3.70
N ALA A 681 31.35 3.83 4.15
CA ALA A 681 30.02 4.28 3.69
C ALA A 681 30.03 4.43 2.16
N TRP A 682 31.09 5.03 1.61
CA TRP A 682 31.11 5.23 0.16
C TRP A 682 31.41 3.92 -0.57
N GLY A 683 32.15 3.03 0.09
CA GLY A 683 32.35 1.67 -0.41
C GLY A 683 31.02 0.97 -0.61
N GLU A 684 30.08 1.19 0.32
CA GLU A 684 28.78 0.53 0.22
C GLU A 684 27.94 1.18 -0.87
N VAL A 685 28.07 2.51 -1.05
CA VAL A 685 27.43 3.16 -2.20
C VAL A 685 27.92 2.46 -3.49
N LYS A 686 29.23 2.27 -3.61
CA LYS A 686 29.76 1.69 -4.84
C LYS A 686 29.26 0.26 -5.00
N ARG A 687 29.16 -0.46 -3.89
CA ARG A 687 28.64 -1.84 -3.98
C ARG A 687 27.20 -1.84 -4.52
N GLN A 688 26.37 -0.91 -4.05
CA GLN A 688 24.97 -0.87 -4.48
C GLN A 688 24.86 -0.40 -5.93
N ILE A 689 25.80 0.46 -6.38
CA ILE A 689 25.81 0.84 -7.81
C ILE A 689 26.08 -0.41 -8.67
N TYR A 690 27.07 -1.21 -8.27
CA TYR A 690 27.43 -2.49 -8.95
C TYR A 690 26.21 -3.42 -9.00
N VAL A 691 25.55 -3.59 -7.86
CA VAL A 691 24.38 -4.49 -7.82
C VAL A 691 23.30 -3.99 -8.77
N ALA A 692 23.03 -2.68 -8.75
CA ALA A 692 21.95 -2.11 -9.59
C ALA A 692 22.32 -2.23 -11.08
N ALA A 693 23.56 -1.87 -11.44
CA ALA A 693 24.00 -1.94 -12.84
C ALA A 693 23.91 -3.38 -13.35
N PHE A 694 24.41 -4.33 -12.55
CA PHE A 694 24.34 -5.71 -12.91
C PHE A 694 22.89 -6.15 -13.12
N THR A 695 21.99 -5.78 -12.20
CA THR A 695 20.62 -6.26 -12.28
C THR A 695 19.94 -5.69 -13.53
N VAL A 696 20.20 -4.42 -13.82
CA VAL A 696 19.59 -3.79 -15.01
C VAL A 696 20.09 -4.49 -16.28
N GLN A 697 21.41 -4.74 -16.36
CA GLN A 697 21.98 -5.45 -17.53
C GLN A 697 21.39 -6.86 -17.63
N ALA A 698 21.27 -7.55 -16.48
CA ALA A 698 20.77 -8.91 -16.49
C ALA A 698 19.31 -8.94 -16.96
N ALA A 699 18.51 -7.96 -16.52
CA ALA A 699 17.12 -7.86 -16.95
C ALA A 699 17.08 -7.56 -18.45
N ALA A 700 17.90 -6.63 -18.91
CA ALA A 700 18.01 -6.35 -20.36
C ALA A 700 18.28 -7.64 -21.15
N GLU A 701 19.23 -8.46 -20.66
CA GLU A 701 19.64 -9.65 -21.40
C GLU A 701 18.52 -10.69 -21.49
N THR A 702 17.49 -10.64 -20.63
CA THR A 702 16.37 -11.59 -20.75
C THR A 702 15.54 -11.26 -22.01
N LEU A 703 15.71 -10.06 -22.54
CA LEU A 703 14.96 -9.62 -23.74
C LEU A 703 15.80 -9.82 -25.01
N SER A 704 17.09 -10.17 -24.85
CA SER A 704 17.90 -10.54 -26.05
C SER A 704 17.31 -11.79 -26.74
N GLU A 705 17.69 -12.02 -28.02
CA GLU A 705 17.36 -13.30 -28.62
C GLU A 705 17.92 -14.43 -27.74
N VAL A 706 17.15 -15.50 -27.63
CA VAL A 706 17.33 -16.51 -26.56
C VAL A 706 18.50 -17.45 -26.90
N ALA A 707 18.87 -17.51 -28.18
CA ALA A 707 19.94 -18.42 -28.66
C ALA A 707 20.31 -18.03 -30.09
C1 NAG B . -25.77 -10.29 2.32
C2 NAG B . -26.78 -10.45 3.44
C3 NAG B . -27.01 -11.93 3.76
C4 NAG B . -27.24 -12.79 2.51
C5 NAG B . -26.22 -12.45 1.43
C6 NAG B . -26.52 -13.17 0.12
C7 NAG B . -26.90 -8.56 4.95
C8 NAG B . -26.36 -7.90 6.17
N2 NAG B . -26.31 -9.71 4.60
O3 NAG B . -28.17 -12.02 4.59
O4 NAG B . -27.05 -14.16 2.91
O5 NAG B . -26.21 -11.03 1.18
O6 NAG B . -27.78 -12.72 -0.41
O7 NAG B . -27.80 -8.05 4.32
C1 NAG B . -28.20 -14.96 2.56
C2 NAG B . -27.76 -16.42 2.50
C3 NAG B . -28.95 -17.37 2.34
C4 NAG B . -30.14 -17.04 3.27
C5 NAG B . -30.42 -15.53 3.33
C6 NAG B . -31.37 -15.16 4.46
C7 NAG B . -25.51 -16.85 1.50
C8 NAG B . -24.84 -16.51 2.78
N2 NAG B . -26.83 -16.61 1.40
O3 NAG B . -28.50 -18.70 2.57
O4 NAG B . -31.30 -17.72 2.77
O5 NAG B . -29.21 -14.80 3.56
O6 NAG B . -30.72 -15.40 5.73
O7 NAG B . -24.86 -17.30 0.56
C1 BMA B . -31.84 -18.62 3.76
C2 BMA B . -33.31 -18.94 3.44
C3 BMA B . -33.74 -20.36 3.87
C4 BMA B . -32.96 -20.94 5.06
C5 BMA B . -31.48 -20.52 5.12
C6 BMA B . -30.57 -21.73 5.35
O2 BMA B . -33.54 -18.77 2.04
O3 BMA B . -33.66 -21.28 2.76
O4 BMA B . -33.63 -20.56 6.28
O5 BMA B . -31.09 -19.81 3.94
O6 BMA B . -29.95 -22.13 4.13
C1 NAG C . -7.93 -9.19 30.54
C2 NAG C . -7.02 -10.37 30.79
C3 NAG C . -7.40 -11.19 32.04
C4 NAG C . -8.03 -10.38 33.18
C5 NAG C . -8.90 -9.22 32.68
C6 NAG C . -9.42 -8.31 33.81
C7 NAG C . -6.07 -11.41 28.78
C8 NAG C . -4.69 -11.09 29.26
N2 NAG C . -7.09 -11.20 29.62
O3 NAG C . -6.21 -11.81 32.53
O4 NAG C . -8.85 -11.24 34.00
O5 NAG C . -8.15 -8.45 31.74
O6 NAG C . -8.38 -7.84 34.66
O7 NAG C . -6.27 -11.85 27.65
C1 NAG C . -8.26 -11.37 35.32
C2 NAG C . -9.38 -11.78 36.28
C3 NAG C . -8.84 -12.13 37.68
C4 NAG C . -7.61 -13.03 37.62
C5 NAG C . -6.58 -12.43 36.66
C6 NAG C . -5.34 -13.32 36.54
C7 NAG C . -11.51 -10.73 35.73
C8 NAG C . -12.38 -9.51 35.91
N2 NAG C . -10.36 -10.72 36.41
O3 NAG C . -9.91 -12.78 38.39
O4 NAG C . -7.06 -13.20 38.92
O5 NAG C . -7.16 -12.28 35.36
O6 NAG C . -4.38 -12.68 35.70
O7 NAG C . -11.84 -11.65 35.00
C1 NAG D . -9.70 7.97 35.16
C2 NAG D . -10.52 8.68 36.24
C3 NAG D . -10.12 8.21 37.64
C4 NAG D . -10.03 6.68 37.73
C5 NAG D . -9.33 6.05 36.51
C6 NAG D . -9.49 4.53 36.49
C7 NAG D . -11.33 10.91 35.72
C8 NAG D . -10.99 12.37 35.62
N2 NAG D . -10.36 10.12 36.15
O3 NAG D . -11.07 8.70 38.58
O4 NAG D . -9.32 6.36 38.94
O5 NAG D . -9.89 6.56 35.29
O6 NAG D . -10.87 4.21 36.31
O7 NAG D . -12.44 10.50 35.44
C1 NAG D . -10.00 5.36 39.73
C2 NAG D . -8.94 4.73 40.63
C3 NAG D . -9.54 3.77 41.65
C4 NAG D . -10.70 4.43 42.40
C5 NAG D . -11.73 4.94 41.39
C6 NAG D . -12.91 5.61 42.08
C7 NAG D . -6.81 4.65 39.43
C8 NAG D . -5.87 3.79 38.64
N2 NAG D . -7.94 4.07 39.81
O3 NAG D . -8.53 3.38 42.59
O4 NAG D . -11.25 3.51 43.34
O5 NAG D . -11.12 5.87 40.47
O6 NAG D . -12.52 6.92 42.54
O7 NAG D . -6.54 5.82 39.71
C1 NAG E . -1.79 0.74 -27.14
C2 NAG E . -1.07 -0.60 -27.33
C3 NAG E . 0.01 -0.40 -28.37
C4 NAG E . -0.57 0.20 -29.66
C5 NAG E . -1.33 1.50 -29.33
C6 NAG E . -2.03 2.11 -30.55
C7 NAG E . -0.65 -2.17 -25.47
C8 NAG E . -1.51 -3.15 -26.18
N2 NAG E . -0.46 -1.01 -26.06
O3 NAG E . 0.63 -1.65 -28.63
O4 NAG E . 0.54 0.53 -30.49
O5 NAG E . -2.34 1.13 -28.41
O6 NAG E . -2.92 1.11 -31.08
O7 NAG E . -0.09 -2.47 -24.39
C1 NAG E . 0.34 -0.02 -31.81
C2 NAG E . 1.39 0.63 -32.69
C3 NAG E . 1.37 0.04 -34.09
C4 NAG E . 1.38 -1.49 -34.04
C5 NAG E . 0.25 -1.98 -33.14
C6 NAG E . 0.19 -3.50 -33.02
C7 NAG E . 1.96 2.95 -32.07
C8 NAG E . 3.07 2.42 -31.22
N2 NAG E . 1.18 2.07 -32.72
O3 NAG E . 2.51 0.53 -34.80
O4 NAG E . 1.18 -2.02 -35.37
O5 NAG E . 0.48 -1.43 -31.84
O6 NAG E . 1.49 -3.95 -32.66
O7 NAG E . 1.75 4.16 -32.18
C1 BMA E . 2.37 -2.65 -35.86
C2 BMA E . 1.90 -3.79 -36.75
C3 BMA E . 3.05 -4.42 -37.54
C4 BMA E . 3.90 -3.37 -38.23
C5 BMA E . 4.33 -2.26 -37.27
C6 BMA E . 4.98 -1.11 -38.03
O2 BMA E . 0.87 -3.32 -37.65
O3 BMA E . 2.51 -5.31 -38.53
O4 BMA E . 5.07 -4.01 -38.76
O5 BMA E . 3.19 -1.72 -36.58
O6 BMA E . 3.94 -0.37 -38.69
C1 MAN E . 2.67 -6.68 -38.13
C2 MAN E . 2.58 -7.58 -39.35
C3 MAN E . 1.15 -7.58 -39.91
C4 MAN E . 0.11 -7.91 -38.83
C5 MAN E . 0.35 -7.02 -37.59
C6 MAN E . -0.55 -7.38 -36.42
O2 MAN E . 2.94 -8.90 -38.93
O3 MAN E . 1.03 -8.53 -40.98
O4 MAN E . -1.20 -7.68 -39.38
O5 MAN E . 1.72 -7.13 -37.16
O6 MAN E . -0.47 -6.33 -35.43
C1 NAG F . 26.54 -2.61 -22.25
C2 NAG F . 27.32 -3.32 -21.15
C3 NAG F . 28.79 -3.35 -21.57
C4 NAG F . 28.96 -4.04 -22.95
C5 NAG F . 28.00 -3.42 -23.96
C6 NAG F . 28.00 -4.26 -25.25
C7 NAG F . 26.98 -3.37 -18.72
C8 NAG F . 26.82 -2.54 -17.49
N2 NAG F . 27.13 -2.66 -19.86
O3 NAG F . 29.55 -4.04 -20.57
O4 NAG F . 30.27 -3.83 -23.50
O5 NAG F . 26.67 -3.38 -23.45
O6 NAG F . 27.63 -3.47 -26.39
O7 NAG F . 26.98 -4.60 -18.71
C1 NAG F . 31.25 -4.70 -22.92
C2 NAG F . 32.17 -5.27 -23.98
C3 NAG F . 33.36 -5.97 -23.31
C4 NAG F . 34.06 -4.99 -22.35
C5 NAG F . 33.05 -4.48 -21.34
C6 NAG F . 33.67 -3.41 -20.43
C7 NAG F . 31.11 -5.97 -26.12
C8 NAG F . 31.39 -4.61 -26.71
N2 NAG F . 31.49 -6.21 -24.85
O3 NAG F . 34.25 -6.46 -24.35
O4 NAG F . 35.03 -5.67 -21.55
O5 NAG F . 31.96 -3.86 -22.02
O6 NAG F . 32.90 -3.32 -19.21
O7 NAG F . 30.55 -6.82 -26.80
C1 BMA F . 36.32 -5.63 -22.17
C2 BMA F . 37.38 -5.50 -21.09
C3 BMA F . 38.77 -5.63 -21.68
C4 BMA F . 38.85 -6.92 -22.47
C5 BMA F . 37.75 -6.95 -23.51
C6 BMA F . 37.74 -8.22 -24.32
O2 BMA F . 37.18 -6.56 -20.14
O3 BMA F . 39.68 -5.63 -20.56
O4 BMA F . 40.10 -7.02 -23.13
O5 BMA F . 36.48 -6.87 -22.86
O6 BMA F . 36.54 -8.19 -25.09
C1 MAN F . 40.80 -4.75 -20.77
C2 MAN F . 41.87 -5.18 -19.78
C3 MAN F . 41.46 -4.84 -18.34
C4 MAN F . 41.01 -3.39 -18.22
C5 MAN F . 40.00 -3.01 -19.30
C6 MAN F . 39.66 -1.52 -19.28
O2 MAN F . 43.10 -4.54 -20.14
O3 MAN F . 42.56 -5.04 -17.45
O4 MAN F . 40.43 -3.17 -16.92
O5 MAN F . 40.49 -3.36 -20.59
O6 MAN F . 40.80 -0.73 -19.64
C1 MAN F . 36.72 -9.02 -26.24
C2 MAN F . 35.63 -8.71 -27.25
C3 MAN F . 34.26 -9.22 -26.78
C4 MAN F . 34.31 -10.64 -26.18
C5 MAN F . 35.50 -10.80 -25.23
C6 MAN F . 35.63 -12.23 -24.67
O2 MAN F . 35.97 -9.34 -28.49
O3 MAN F . 33.34 -9.22 -27.87
O4 MAN F . 33.09 -10.90 -25.46
O5 MAN F . 36.70 -10.41 -25.91
O6 MAN F . 36.68 -12.35 -23.70
C1 NAG G . 19.57 11.27 26.52
C2 NAG G . 21.02 11.22 26.06
C3 NAG G . 21.51 9.78 26.20
C4 NAG G . 21.38 9.34 27.66
C5 NAG G . 19.99 9.60 28.26
C6 NAG G . 20.08 9.48 29.78
C7 NAG G . 21.98 12.68 24.33
C8 NAG G . 22.00 13.92 25.17
N2 NAG G . 21.14 11.70 24.69
O3 NAG G . 22.87 9.69 25.75
O4 NAG G . 21.71 7.94 27.75
O5 NAG G . 19.48 10.90 27.90
O6 NAG G . 18.86 9.87 30.42
O7 NAG G . 22.70 12.57 23.35
C1 NAG H . -17.58 15.38 -4.30
C2 NAG H . -16.76 15.81 -3.06
C3 NAG H . -17.12 17.26 -2.66
C4 NAG H . -16.95 18.21 -3.85
C5 NAG H . -17.71 17.71 -5.07
C6 NAG H . -17.37 18.57 -6.32
C7 NAG H . -15.91 14.25 -1.39
C8 NAG H . -16.23 13.34 -0.25
N2 NAG H . -16.94 14.86 -1.97
O3 NAG H . -16.25 17.75 -1.64
O4 NAG H . -17.40 19.54 -3.48
O5 NAG H . -17.40 16.34 -5.37
O6 NAG H . -15.99 18.96 -6.31
O7 NAG H . -14.75 14.44 -1.73
C1 EDO I . 0.71 14.97 -6.37
O1 EDO I . -0.52 15.06 -7.09
C2 EDO I . 0.70 13.70 -5.52
O2 EDO I . 0.47 12.56 -6.36
ZN ZN J . -7.07 -0.21 6.12
ZN ZN K . -7.60 -1.59 3.14
CA CA L . 4.73 -16.86 7.07
CL CL M . -5.88 -0.58 -4.20
C1 BMA N . -4.37 -15.19 39.69
C2 BMA N . -3.06 -15.90 40.07
C3 BMA N . -2.79 -15.91 41.58
C4 BMA N . -4.00 -16.36 42.41
C5 BMA N . -5.32 -16.11 41.69
C6 BMA N . -6.46 -15.90 42.67
O2 BMA N . -1.97 -15.29 39.38
O3 BMA N . -2.38 -14.61 42.02
O4 BMA N . -3.87 -17.75 42.73
O5 BMA N . -5.21 -14.98 40.84
O6 BMA N . -7.68 -15.66 41.96
C1 PEG O . 20.71 -14.58 -24.25
O1 PEG O . 21.52 -13.50 -23.77
C2 PEG O . 21.60 -15.69 -24.80
O2 PEG O . 22.37 -16.28 -23.75
C3 PEG O . 21.88 -17.57 -23.36
C4 PEG O . 22.87 -18.17 -22.37
O4 PEG O . 24.13 -18.33 -23.05
C1 EDO P . 24.94 11.65 -17.97
O1 EDO P . 24.90 10.25 -18.30
C2 EDO P . 23.97 11.94 -16.82
O2 EDO P . 24.72 12.27 -15.64
C1 EDO Q . -30.62 0.46 0.60
O1 EDO Q . -30.19 -0.82 0.12
C2 EDO Q . -30.83 0.43 2.11
O2 EDO Q . -32.11 -0.12 2.43
C1 EDO R . 4.86 18.60 -19.21
O1 EDO R . 5.29 19.33 -20.37
C2 EDO R . 5.51 19.21 -17.98
O2 EDO R . 4.71 20.33 -17.54
OAB LHK S . -7.59 4.01 1.68
CAQ LHK S . -7.23 2.82 1.71
OAH LHK S . -7.65 1.90 0.98
CAM LHK S . -6.10 2.49 2.69
CAU LHK S . -5.15 1.49 2.00
CAS LHK S . -4.11 2.21 1.08
OAJ LHK S . -3.18 1.53 0.57
OAD LHK S . -4.31 3.41 0.81
NAO LHK S . -4.63 0.52 2.98
SAV LHK S . -3.75 1.00 4.26
OAE LHK S . -4.63 1.27 5.51
OAF LHK S . -2.95 2.19 3.77
N LHK S . -2.84 -0.31 4.75
CA LHK S . -2.87 -0.73 6.16
C LHK S . -2.46 0.43 7.11
OXT LHK S . -2.81 0.31 8.31
O LHK S . -1.79 1.36 6.64
CB LHK S . -1.90 -1.94 6.38
CG LHK S . -0.48 -1.50 5.96
CD LHK S . 0.58 -2.57 6.27
OE2 LHK S . 0.49 -3.22 7.34
OE1 LHK S . 1.53 -2.64 5.48
C1 GOL T . -1.88 5.07 2.32
O1 GOL T . -1.24 5.62 1.16
C2 GOL T . -2.99 6.01 2.79
O2 GOL T . -4.00 6.12 1.77
C3 GOL T . -3.67 5.43 4.02
O3 GOL T . -2.83 5.59 5.14
#